data_191D
# 
_entry.id   191D 
# 
_audit_conform.dict_name       mmcif_pdbx.dic 
_audit_conform.dict_version    5.385 
_audit_conform.dict_location   http://mmcif.pdb.org/dictionaries/ascii/mmcif_pdbx.dic 
# 
loop_
_database_2.database_id 
_database_2.database_code 
_database_2.pdbx_database_accession 
_database_2.pdbx_DOI 
PDB   191D         pdb_0000191d 10.2210/pdb191d/pdb 
RCSB  UDD023       ?            ?                   
WWPDB D_1000170203 ?            ?                   
# 
loop_
_pdbx_audit_revision_history.ordinal 
_pdbx_audit_revision_history.data_content_type 
_pdbx_audit_revision_history.major_revision 
_pdbx_audit_revision_history.minor_revision 
_pdbx_audit_revision_history.revision_date 
1 'Structure model' 1 0 1994-11-30 
2 'Structure model' 1 1 2008-05-22 
3 'Structure model' 1 2 2011-07-13 
4 'Structure model' 1 3 2012-10-03 
5 'Structure model' 1 4 2024-02-07 
# 
_pdbx_audit_revision_details.ordinal             1 
_pdbx_audit_revision_details.revision_ordinal    1 
_pdbx_audit_revision_details.data_content_type   'Structure model' 
_pdbx_audit_revision_details.provider            repository 
_pdbx_audit_revision_details.type                'Initial release' 
_pdbx_audit_revision_details.description         ? 
_pdbx_audit_revision_details.details             ? 
# 
loop_
_pdbx_audit_revision_group.ordinal 
_pdbx_audit_revision_group.revision_ordinal 
_pdbx_audit_revision_group.data_content_type 
_pdbx_audit_revision_group.group 
1 2 'Structure model' 'Version format compliance' 
2 3 'Structure model' 'Version format compliance' 
3 4 'Structure model' Other                       
4 5 'Structure model' 'Data collection'           
5 5 'Structure model' 'Database references'       
6 5 'Structure model' 'Derived calculations'      
# 
loop_
_pdbx_audit_revision_category.ordinal 
_pdbx_audit_revision_category.revision_ordinal 
_pdbx_audit_revision_category.data_content_type 
_pdbx_audit_revision_category.category 
1 5 'Structure model' chem_comp_atom 
2 5 'Structure model' chem_comp_bond 
3 5 'Structure model' database_2     
4 5 'Structure model' struct_site    
# 
loop_
_pdbx_audit_revision_item.ordinal 
_pdbx_audit_revision_item.revision_ordinal 
_pdbx_audit_revision_item.data_content_type 
_pdbx_audit_revision_item.item 
1 5 'Structure model' '_database_2.pdbx_DOI'                
2 5 'Structure model' '_database_2.pdbx_database_accession' 
3 5 'Structure model' '_struct_site.pdbx_auth_asym_id'      
4 5 'Structure model' '_struct_site.pdbx_auth_comp_id'      
5 5 'Structure model' '_struct_site.pdbx_auth_seq_id'       
# 
_pdbx_database_status.status_code                     REL 
_pdbx_database_status.entry_id                        191D 
_pdbx_database_status.recvd_initial_deposition_date   1994-09-29 
_pdbx_database_status.deposit_site                    BNL 
_pdbx_database_status.process_site                    NDB 
_pdbx_database_status.SG_entry                        . 
_pdbx_database_status.status_code_sf                  REL 
_pdbx_database_status.status_code_mr                  ? 
_pdbx_database_status.status_code_cs                  ? 
_pdbx_database_status.methods_development_category    ? 
_pdbx_database_status.pdb_format_compatible           Y 
_pdbx_database_status.status_code_nmr_data            ? 
# 
loop_
_audit_author.name 
_audit_author.pdbx_ordinal 
'Kang, C.'     1 
'Berger, I.'   2 
'Lockshin, C.' 3 
'Ratliff, R.'  4 
'Moyzis, R.'   5 
'Rich, A.'     6 
# 
_citation.id                        primary 
_citation.title                     'Crystal structure of intercalated four-stranded d(C3T) at 1.4 angstroms resolution.' 
_citation.journal_abbrev            Proc.Natl.Acad.Sci.USA 
_citation.journal_volume            91 
_citation.page_first                11636 
_citation.page_last                 11640 
_citation.year                      1994 
_citation.journal_id_ASTM           PNASA6 
_citation.country                   US 
_citation.journal_id_ISSN           0027-8424 
_citation.journal_id_CSD            0040 
_citation.book_publisher            ? 
_citation.pdbx_database_id_PubMed   7972115 
_citation.pdbx_database_id_DOI      10.1073/pnas.91.24.11636 
# 
loop_
_citation_author.citation_id 
_citation_author.name 
_citation_author.ordinal 
_citation_author.identifier_ORCID 
primary 'Kang, C.H.'   1 ? 
primary 'Berger, I.'   2 ? 
primary 'Lockshin, C.' 3 ? 
primary 'Ratliff, R.'  4 ? 
primary 'Moyzis, R.'   5 ? 
primary 'Rich, A.'     6 ? 
# 
loop_
_entity.id 
_entity.type 
_entity.src_method 
_entity.pdbx_description 
_entity.formula_weight 
_entity.pdbx_number_of_molecules 
_entity.pdbx_ec 
_entity.pdbx_mutation 
_entity.pdbx_fragment 
_entity.details 
1 polymer     syn 
;DNA (5'-D(*CP*CP*CP*T)-3')
;
1126.781 4  ? ? ? ? 
2 non-polymer syn 'SODIUM ION'                 22.990   3  ? ? ? ? 
3 water       nat water                        18.015   63 ? ? ? ? 
# 
_entity_poly.entity_id                      1 
_entity_poly.type                           polydeoxyribonucleotide 
_entity_poly.nstd_linkage                   no 
_entity_poly.nstd_monomer                   no 
_entity_poly.pdbx_seq_one_letter_code       '(DC)(DC)(DC)(DT)' 
_entity_poly.pdbx_seq_one_letter_code_can   CCCT 
_entity_poly.pdbx_strand_id                 A,B,C,D 
_entity_poly.pdbx_target_identifier         ? 
# 
loop_
_pdbx_entity_nonpoly.entity_id 
_pdbx_entity_nonpoly.name 
_pdbx_entity_nonpoly.comp_id 
2 'SODIUM ION' NA  
3 water        HOH 
# 
loop_
_entity_poly_seq.entity_id 
_entity_poly_seq.num 
_entity_poly_seq.mon_id 
_entity_poly_seq.hetero 
1 1 DC n 
1 2 DC n 
1 3 DC n 
1 4 DT n 
# 
loop_
_chem_comp.id 
_chem_comp.type 
_chem_comp.mon_nstd_flag 
_chem_comp.name 
_chem_comp.pdbx_synonyms 
_chem_comp.formula 
_chem_comp.formula_weight 
DC  'DNA linking' y "2'-DEOXYCYTIDINE-5'-MONOPHOSPHATE" ? 'C9 H14 N3 O7 P'  307.197 
DT  'DNA linking' y "THYMIDINE-5'-MONOPHOSPHATE"        ? 'C10 H15 N2 O8 P' 322.208 
HOH non-polymer   . WATER                               ? 'H2 O'            18.015  
NA  non-polymer   . 'SODIUM ION'                        ? 'Na 1'            22.990  
# 
loop_
_pdbx_poly_seq_scheme.asym_id 
_pdbx_poly_seq_scheme.entity_id 
_pdbx_poly_seq_scheme.seq_id 
_pdbx_poly_seq_scheme.mon_id 
_pdbx_poly_seq_scheme.ndb_seq_num 
_pdbx_poly_seq_scheme.pdb_seq_num 
_pdbx_poly_seq_scheme.auth_seq_num 
_pdbx_poly_seq_scheme.pdb_mon_id 
_pdbx_poly_seq_scheme.auth_mon_id 
_pdbx_poly_seq_scheme.pdb_strand_id 
_pdbx_poly_seq_scheme.pdb_ins_code 
_pdbx_poly_seq_scheme.hetero 
A 1 1 DC 1 1  1  DC C A . n 
A 1 2 DC 2 2  2  DC C A . n 
A 1 3 DC 3 3  3  DC C A . n 
A 1 4 DT 4 4  4  DT T A . n 
B 1 1 DC 1 5  5  DC C B . n 
B 1 2 DC 2 6  6  DC C B . n 
B 1 3 DC 3 7  7  DC C B . n 
B 1 4 DT 4 8  8  DT T B . n 
C 1 1 DC 1 9  9  DC C C . n 
C 1 2 DC 2 10 10 DC C C . n 
C 1 3 DC 3 11 11 DC C C . n 
C 1 4 DT 4 12 12 DT T C . n 
D 1 1 DC 1 13 13 DC C D . n 
D 1 2 DC 2 14 14 DC C D . n 
D 1 3 DC 3 15 15 DC C D . n 
D 1 4 DT 4 16 16 DT T D . n 
# 
loop_
_pdbx_nonpoly_scheme.asym_id 
_pdbx_nonpoly_scheme.entity_id 
_pdbx_nonpoly_scheme.mon_id 
_pdbx_nonpoly_scheme.ndb_seq_num 
_pdbx_nonpoly_scheme.pdb_seq_num 
_pdbx_nonpoly_scheme.auth_seq_num 
_pdbx_nonpoly_scheme.pdb_mon_id 
_pdbx_nonpoly_scheme.auth_mon_id 
_pdbx_nonpoly_scheme.pdb_strand_id 
_pdbx_nonpoly_scheme.pdb_ins_code 
E 2 NA  1  19 19 NA  NA  A . 
F 2 NA  1  17 17 NA  NA  B . 
G 2 NA  1  18 18 NA  NA  C . 
H 3 HOH 1  20 20 HOH HOH A . 
H 3 HOH 2  22 22 HOH HOH A . 
H 3 HOH 3  36 36 HOH HOH A . 
H 3 HOH 4  38 38 HOH HOH A . 
H 3 HOH 5  39 39 HOH HOH A . 
H 3 HOH 6  40 40 HOH HOH A . 
H 3 HOH 7  44 44 HOH HOH A . 
H 3 HOH 8  47 47 HOH HOH A . 
H 3 HOH 9  48 48 HOH HOH A . 
H 3 HOH 10 54 54 HOH HOH A . 
H 3 HOH 11 60 60 HOH HOH A . 
H 3 HOH 12 64 64 HOH HOH A . 
H 3 HOH 13 65 65 HOH HOH A . 
H 3 HOH 14 67 67 HOH HOH A . 
H 3 HOH 15 72 72 HOH HOH A . 
H 3 HOH 16 75 75 HOH HOH A . 
H 3 HOH 17 79 79 HOH HOH A . 
I 3 HOH 1  24 24 HOH HOH B . 
I 3 HOH 2  25 25 HOH HOH B . 
I 3 HOH 3  34 34 HOH HOH B . 
I 3 HOH 4  37 37 HOH HOH B . 
I 3 HOH 5  53 53 HOH HOH B . 
I 3 HOH 6  58 58 HOH HOH B . 
I 3 HOH 7  73 73 HOH HOH B . 
J 3 HOH 1  23 23 HOH HOH C . 
J 3 HOH 2  26 26 HOH HOH C . 
J 3 HOH 3  28 28 HOH HOH C . 
J 3 HOH 4  29 29 HOH HOH C . 
J 3 HOH 5  30 30 HOH HOH C . 
J 3 HOH 6  35 35 HOH HOH C . 
J 3 HOH 7  42 42 HOH HOH C . 
J 3 HOH 8  43 43 HOH HOH C . 
J 3 HOH 9  45 45 HOH HOH C . 
J 3 HOH 10 56 56 HOH HOH C . 
J 3 HOH 11 61 61 HOH HOH C . 
J 3 HOH 12 63 63 HOH HOH C . 
J 3 HOH 13 74 74 HOH HOH C . 
K 3 HOH 1  21 21 HOH HOH D . 
K 3 HOH 2  27 27 HOH HOH D . 
K 3 HOH 3  31 31 HOH HOH D . 
K 3 HOH 4  32 32 HOH HOH D . 
K 3 HOH 5  33 33 HOH HOH D . 
K 3 HOH 6  41 41 HOH HOH D . 
K 3 HOH 7  46 46 HOH HOH D . 
K 3 HOH 8  49 49 HOH HOH D . 
K 3 HOH 9  50 50 HOH HOH D . 
K 3 HOH 10 51 51 HOH HOH D . 
K 3 HOH 11 52 52 HOH HOH D . 
K 3 HOH 12 55 55 HOH HOH D . 
K 3 HOH 13 57 57 HOH HOH D . 
K 3 HOH 14 59 59 HOH HOH D . 
K 3 HOH 15 62 62 HOH HOH D . 
K 3 HOH 16 66 66 HOH HOH D . 
K 3 HOH 17 68 68 HOH HOH D . 
K 3 HOH 18 69 69 HOH HOH D . 
K 3 HOH 19 70 70 HOH HOH D . 
K 3 HOH 20 71 71 HOH HOH D . 
K 3 HOH 21 76 76 HOH HOH D . 
K 3 HOH 22 77 77 HOH HOH D . 
K 3 HOH 23 78 78 HOH HOH D . 
K 3 HOH 24 80 80 HOH HOH D . 
K 3 HOH 25 81 81 HOH HOH D . 
K 3 HOH 26 82 82 HOH HOH D . 
# 
_software.name             X-PLOR 
_software.classification   refinement 
_software.version          . 
_software.citation_id      ? 
_software.pdbx_ordinal     1 
# 
_cell.entry_id           191D 
_cell.length_a           28.281 
_cell.length_b           44.341 
_cell.length_c           50.472 
_cell.angle_alpha        90.00 
_cell.angle_beta         90.00 
_cell.angle_gamma        90.00 
_cell.Z_PDB              32 
_cell.pdbx_unique_axis   ? 
_cell.length_a_esd       ? 
_cell.length_b_esd       ? 
_cell.length_c_esd       ? 
_cell.angle_alpha_esd    ? 
_cell.angle_beta_esd     ? 
_cell.angle_gamma_esd    ? 
# 
_symmetry.entry_id                         191D 
_symmetry.space_group_name_H-M             'C 2 2 21' 
_symmetry.pdbx_full_space_group_name_H-M   ? 
_symmetry.cell_setting                     ? 
_symmetry.Int_Tables_number                20 
_symmetry.space_group_name_Hall            ? 
# 
_exptl.entry_id          191D 
_exptl.method            'X-RAY DIFFRACTION' 
_exptl.crystals_number   ? 
# 
_exptl_crystal.id                    1 
_exptl_crystal.density_meas          ? 
_exptl_crystal.density_percent_sol   29.93 
_exptl_crystal.density_Matthews      1.76 
_exptl_crystal.description           ? 
_exptl_crystal.F_000                 ? 
_exptl_crystal.preparation           ? 
# 
_exptl_crystal_grow.crystal_id      1 
_exptl_crystal_grow.method          'VAPOR DIFFUSION, HANGING DROP' 
_exptl_crystal_grow.temp            ? 
_exptl_crystal_grow.temp_details    ? 
_exptl_crystal_grow.pH              6.50 
_exptl_crystal_grow.pdbx_details    'pH 6.50, VAPOR DIFFUSION, HANGING DROP' 
_exptl_crystal_grow.pdbx_pH_range   ? 
# 
loop_
_exptl_crystal_grow_comp.crystal_id 
_exptl_crystal_grow_comp.id 
_exptl_crystal_grow_comp.sol_id 
_exptl_crystal_grow_comp.name 
_exptl_crystal_grow_comp.volume 
_exptl_crystal_grow_comp.conc 
_exptl_crystal_grow_comp.details 
1 1 1 WATER           ? ? ? 
1 2 1 MPD             ? ? ? 
1 3 1 MGCL2           ? ? ? 
1 4 1 SPERMINE        ? ? ? 
1 5 1 SRCL2           ? ? ? 
1 6 1 'SR CACODYLATE' ? ? ? 
1 7 2 WATER           ? ? ? 
1 8 2 MPD             ? ? ? 
# 
_diffrn.id                     1 
_diffrn.ambient_temp           277.00 
_diffrn.ambient_temp_details   ? 
_diffrn.crystal_id             1 
# 
_diffrn_detector.diffrn_id              1 
_diffrn_detector.detector               'IMAGE PLATE' 
_diffrn_detector.type                   'RIGAKU RAXIS IIC' 
_diffrn_detector.pdbx_collection_date   ? 
_diffrn_detector.details                ? 
# 
_diffrn_radiation.diffrn_id                        1 
_diffrn_radiation.wavelength_id                    1 
_diffrn_radiation.pdbx_monochromatic_or_laue_m_l   ? 
_diffrn_radiation.monochromator                    ? 
_diffrn_radiation.pdbx_diffrn_protocol             ? 
_diffrn_radiation.pdbx_scattering_type             x-ray 
# 
_diffrn_radiation_wavelength.id           1 
_diffrn_radiation_wavelength.wavelength   . 
_diffrn_radiation_wavelength.wt           1.0 
# 
_diffrn_source.diffrn_id                   1 
_diffrn_source.source                      ? 
_diffrn_source.type                        ? 
_diffrn_source.pdbx_synchrotron_site       ? 
_diffrn_source.pdbx_synchrotron_beamline   ? 
_diffrn_source.pdbx_wavelength             ? 
_diffrn_source.pdbx_wavelength_list        ? 
# 
_reflns.entry_id                     191D 
_reflns.observed_criterion_sigma_I   ? 
_reflns.observed_criterion_sigma_F   ? 
_reflns.d_resolution_low             ? 
_reflns.d_resolution_high            1.400 
_reflns.number_obs                   ? 
_reflns.number_all                   ? 
_reflns.percent_possible_obs         ? 
_reflns.pdbx_Rmerge_I_obs            ? 
_reflns.pdbx_Rsym_value              ? 
_reflns.pdbx_netI_over_sigmaI        ? 
_reflns.B_iso_Wilson_estimate        ? 
_reflns.pdbx_redundancy              ? 
_reflns.pdbx_ordinal                 1 
_reflns.pdbx_diffrn_id               1 
_reflns.R_free_details               ? 
_reflns.pdbx_chi_squared             ? 
_reflns.pdbx_scaling_rejects         ? 
# 
_refine.entry_id                                 191D 
_refine.ls_number_reflns_obs                     5013 
_refine.ls_number_reflns_all                     ? 
_refine.pdbx_ls_sigma_I                          ? 
_refine.pdbx_ls_sigma_F                          2.000 
_refine.pdbx_data_cutoff_high_absF               ? 
_refine.pdbx_data_cutoff_low_absF                ? 
_refine.pdbx_data_cutoff_high_rms_absF           ? 
_refine.ls_d_res_low                             10.000 
_refine.ls_d_res_high                            1.400 
_refine.ls_percent_reflns_obs                    96.000 
_refine.ls_R_factor_obs                          0.1770000 
_refine.ls_R_factor_all                          ? 
_refine.ls_R_factor_R_work                       0.1770000 
_refine.ls_R_factor_R_free                       0.2250000 
_refine.ls_R_factor_R_free_error                 ? 
_refine.ls_R_factor_R_free_error_details         ? 
_refine.ls_percent_reflns_R_free                 ? 
_refine.ls_number_reflns_R_free                  ? 
_refine.ls_number_parameters                     ? 
_refine.ls_number_restraints                     ? 
_refine.occupancy_min                            ? 
_refine.occupancy_max                            ? 
_refine.B_iso_mean                               ? 
_refine.aniso_B[1][1]                            ? 
_refine.aniso_B[2][2]                            ? 
_refine.aniso_B[3][3]                            ? 
_refine.aniso_B[1][2]                            ? 
_refine.aniso_B[1][3]                            ? 
_refine.aniso_B[2][3]                            ? 
_refine.solvent_model_details                    ? 
_refine.solvent_model_param_ksol                 ? 
_refine.solvent_model_param_bsol                 ? 
_refine.pdbx_ls_cross_valid_method               ? 
_refine.details                                  ? 
_refine.pdbx_starting_model                      ? 
_refine.pdbx_method_to_determine_struct          ? 
_refine.pdbx_isotropic_thermal_model             ? 
_refine.pdbx_stereochemistry_target_values       ? 
_refine.pdbx_stereochem_target_val_spec_case     ? 
_refine.pdbx_R_Free_selection_details            ? 
_refine.pdbx_overall_ESU_R                       ? 
_refine.pdbx_overall_ESU_R_Free                  ? 
_refine.overall_SU_ML                            ? 
_refine.overall_SU_B                             ? 
_refine.pdbx_refine_id                           'X-RAY DIFFRACTION' 
_refine.pdbx_diffrn_id                           1 
_refine.ls_redundancy_reflns_obs                 ? 
_refine.pdbx_overall_phase_error                 ? 
_refine.correlation_coeff_Fo_to_Fc               ? 
_refine.correlation_coeff_Fo_to_Fc_free          ? 
_refine.pdbx_solvent_vdw_probe_radii             ? 
_refine.pdbx_solvent_ion_probe_radii             ? 
_refine.pdbx_solvent_shrinkage_radii             ? 
_refine.overall_SU_R_Cruickshank_DPI             ? 
_refine.overall_SU_R_free                        ? 
_refine.ls_wR_factor_R_free                      ? 
_refine.ls_wR_factor_R_work                      ? 
_refine.overall_FOM_free_R_set                   ? 
_refine.overall_FOM_work_R_set                   ? 
_refine.pdbx_TLS_residual_ADP_flag               ? 
_refine.pdbx_overall_SU_R_free_Cruickshank_DPI   ? 
_refine.pdbx_overall_SU_R_Blow_DPI               ? 
_refine.pdbx_overall_SU_R_free_Blow_DPI          ? 
# 
_refine_hist.pdbx_refine_id                   'X-RAY DIFFRACTION' 
_refine_hist.cycle_id                         LAST 
_refine_hist.pdbx_number_atoms_protein        0 
_refine_hist.pdbx_number_atoms_nucleic_acid   296 
_refine_hist.pdbx_number_atoms_ligand         3 
_refine_hist.number_atoms_solvent             63 
_refine_hist.number_atoms_total               362 
_refine_hist.d_res_high                       1.400 
_refine_hist.d_res_low                        10.000 
# 
loop_
_refine_ls_restr.type 
_refine_ls_restr.dev_ideal 
_refine_ls_restr.dev_ideal_target 
_refine_ls_restr.weight 
_refine_ls_restr.number 
_refine_ls_restr.pdbx_refine_id 
_refine_ls_restr.pdbx_restraint_function 
x_bond_d                0.029 ? ? ? 'X-RAY DIFFRACTION' ? 
x_bond_d_na             ?     ? ? ? 'X-RAY DIFFRACTION' ? 
x_bond_d_prot           ?     ? ? ? 'X-RAY DIFFRACTION' ? 
x_angle_d               ?     ? ? ? 'X-RAY DIFFRACTION' ? 
x_angle_d_na            ?     ? ? ? 'X-RAY DIFFRACTION' ? 
x_angle_d_prot          ?     ? ? ? 'X-RAY DIFFRACTION' ? 
x_angle_deg             4.00  ? ? ? 'X-RAY DIFFRACTION' ? 
x_angle_deg_na          ?     ? ? ? 'X-RAY DIFFRACTION' ? 
x_angle_deg_prot        ?     ? ? ? 'X-RAY DIFFRACTION' ? 
x_dihedral_angle_d      ?     ? ? ? 'X-RAY DIFFRACTION' ? 
x_dihedral_angle_d_na   ?     ? ? ? 'X-RAY DIFFRACTION' ? 
x_dihedral_angle_d_prot ?     ? ? ? 'X-RAY DIFFRACTION' ? 
x_improper_angle_d      ?     ? ? ? 'X-RAY DIFFRACTION' ? 
x_improper_angle_d_na   ?     ? ? ? 'X-RAY DIFFRACTION' ? 
x_improper_angle_d_prot ?     ? ? ? 'X-RAY DIFFRACTION' ? 
x_mcbond_it             ?     ? ? ? 'X-RAY DIFFRACTION' ? 
x_mcangle_it            ?     ? ? ? 'X-RAY DIFFRACTION' ? 
x_scbond_it             ?     ? ? ? 'X-RAY DIFFRACTION' ? 
x_scangle_it            ?     ? ? ? 'X-RAY DIFFRACTION' ? 
# 
_struct.entry_id                  191D 
_struct.title                     'CRYSTAL STRUCTURE OF INTERCALATED FOUR-STRANDED D(C3T)' 
_struct.pdbx_model_details        ? 
_struct.pdbx_CASP_flag            ? 
_struct.pdbx_model_type_details   ? 
# 
_struct_keywords.entry_id        191D 
_struct_keywords.pdbx_keywords   DNA 
_struct_keywords.text            'U-DNA, QUADRUPLE HELIX, PARALLEL-STRANDED TETRAPLEX, BASE INTERCALATED, MISMATCHED, DNA' 
# 
loop_
_struct_asym.id 
_struct_asym.pdbx_blank_PDB_chainid_flag 
_struct_asym.pdbx_modified 
_struct_asym.entity_id 
_struct_asym.details 
A N N 1 ? 
B N N 1 ? 
C N N 1 ? 
D N N 1 ? 
E N N 2 ? 
F N N 2 ? 
G N N 2 ? 
H N N 3 ? 
I N N 3 ? 
J N N 3 ? 
K N N 3 ? 
# 
_struct_ref.id                         1 
_struct_ref.entity_id                  1 
_struct_ref.db_name                    PDB 
_struct_ref.db_code                    191D 
_struct_ref.pdbx_db_accession          191D 
_struct_ref.pdbx_align_begin           ? 
_struct_ref.pdbx_seq_one_letter_code   ? 
_struct_ref.pdbx_db_isoform            ? 
# 
loop_
_struct_ref_seq.align_id 
_struct_ref_seq.ref_id 
_struct_ref_seq.pdbx_PDB_id_code 
_struct_ref_seq.pdbx_strand_id 
_struct_ref_seq.seq_align_beg 
_struct_ref_seq.pdbx_seq_align_beg_ins_code 
_struct_ref_seq.seq_align_end 
_struct_ref_seq.pdbx_seq_align_end_ins_code 
_struct_ref_seq.pdbx_db_accession 
_struct_ref_seq.db_align_beg 
_struct_ref_seq.pdbx_db_align_beg_ins_code 
_struct_ref_seq.db_align_end 
_struct_ref_seq.pdbx_db_align_end_ins_code 
_struct_ref_seq.pdbx_auth_seq_align_beg 
_struct_ref_seq.pdbx_auth_seq_align_end 
1 1 191D A 1 ? 4 ? 191D 1  ? 4  ? 1  4  
2 1 191D B 1 ? 4 ? 191D 5  ? 8  ? 5  8  
3 1 191D C 1 ? 4 ? 191D 9  ? 12 ? 9  12 
4 1 191D D 1 ? 4 ? 191D 13 ? 16 ? 13 16 
# 
_pdbx_struct_assembly.id                   1 
_pdbx_struct_assembly.details              author_defined_assembly 
_pdbx_struct_assembly.method_details       ? 
_pdbx_struct_assembly.oligomeric_details   tetrameric 
_pdbx_struct_assembly.oligomeric_count     4 
# 
_pdbx_struct_assembly_gen.assembly_id       1 
_pdbx_struct_assembly_gen.oper_expression   1 
_pdbx_struct_assembly_gen.asym_id_list      A,B,C,D,E,F,G,H,I,J,K 
# 
_pdbx_struct_oper_list.id                   1 
_pdbx_struct_oper_list.type                 'identity operation' 
_pdbx_struct_oper_list.name                 1_555 
_pdbx_struct_oper_list.symmetry_operation   x,y,z 
_pdbx_struct_oper_list.matrix[1][1]         1.0000000000 
_pdbx_struct_oper_list.matrix[1][2]         0.0000000000 
_pdbx_struct_oper_list.matrix[1][3]         0.0000000000 
_pdbx_struct_oper_list.vector[1]            0.0000000000 
_pdbx_struct_oper_list.matrix[2][1]         0.0000000000 
_pdbx_struct_oper_list.matrix[2][2]         1.0000000000 
_pdbx_struct_oper_list.matrix[2][3]         0.0000000000 
_pdbx_struct_oper_list.vector[2]            0.0000000000 
_pdbx_struct_oper_list.matrix[3][1]         0.0000000000 
_pdbx_struct_oper_list.matrix[3][2]         0.0000000000 
_pdbx_struct_oper_list.matrix[3][3]         1.0000000000 
_pdbx_struct_oper_list.vector[3]            0.0000000000 
# 
_struct_biol.id        1 
_struct_biol.details   ? 
# 
loop_
_struct_conn.id 
_struct_conn.conn_type_id 
_struct_conn.pdbx_leaving_atom_flag 
_struct_conn.pdbx_PDB_id 
_struct_conn.ptnr1_label_asym_id 
_struct_conn.ptnr1_label_comp_id 
_struct_conn.ptnr1_label_seq_id 
_struct_conn.ptnr1_label_atom_id 
_struct_conn.pdbx_ptnr1_label_alt_id 
_struct_conn.pdbx_ptnr1_PDB_ins_code 
_struct_conn.pdbx_ptnr1_standard_comp_id 
_struct_conn.ptnr1_symmetry 
_struct_conn.ptnr2_label_asym_id 
_struct_conn.ptnr2_label_comp_id 
_struct_conn.ptnr2_label_seq_id 
_struct_conn.ptnr2_label_atom_id 
_struct_conn.pdbx_ptnr2_label_alt_id 
_struct_conn.pdbx_ptnr2_PDB_ins_code 
_struct_conn.ptnr1_auth_asym_id 
_struct_conn.ptnr1_auth_comp_id 
_struct_conn.ptnr1_auth_seq_id 
_struct_conn.ptnr2_auth_asym_id 
_struct_conn.ptnr2_auth_comp_id 
_struct_conn.ptnr2_auth_seq_id 
_struct_conn.ptnr2_symmetry 
_struct_conn.pdbx_ptnr3_label_atom_id 
_struct_conn.pdbx_ptnr3_label_seq_id 
_struct_conn.pdbx_ptnr3_label_comp_id 
_struct_conn.pdbx_ptnr3_label_asym_id 
_struct_conn.pdbx_ptnr3_label_alt_id 
_struct_conn.pdbx_ptnr3_PDB_ins_code 
_struct_conn.details 
_struct_conn.pdbx_dist_value 
_struct_conn.pdbx_value_order 
_struct_conn.pdbx_role 
metalc1  metalc ? ? A DC 2 OP2 ? ? ? 1_555 E NA  . NA ? ? A DC 2  A NA  19 1_555 ? ? ? ? ? ? ?            2.677 ? ? 
metalc2  metalc ? ? B DT 4 OP1 ? ? ? 1_555 F NA  . NA ? ? B DT 8  B NA  17 1_555 ? ? ? ? ? ? ?            2.858 ? ? 
metalc3  metalc ? ? F NA . NA  ? ? ? 1_555 K HOH . O  ? ? B NA 17 D HOH 69 1_555 ? ? ? ? ? ? ?            2.841 ? ? 
metalc4  metalc ? ? G NA . NA  ? ? ? 1_555 J HOH . O  ? ? C NA 18 C HOH 35 1_555 ? ? ? ? ? ? ?            3.095 ? ? 
metalc5  metalc ? ? G NA . NA  ? ? ? 1_555 J HOH . O  ? ? C NA 18 C HOH 42 1_555 ? ? ? ? ? ? ?            3.099 ? ? 
hydrog1  hydrog ? ? A DC 1 N4  ? ? ? 1_555 B DC  1 O2 ? ? A DC 1  B DC  5  1_555 ? ? ? ? ? ? TYPE_15_PAIR ?     ? ? 
hydrog2  hydrog ? ? A DC 1 O2  ? ? ? 1_555 B DC  1 N4 ? ? A DC 1  B DC  5  1_555 ? ? ? ? ? ? TYPE_15_PAIR ?     ? ? 
hydrog3  hydrog ? ? A DC 2 N4  ? ? ? 1_555 B DC  2 O2 ? ? A DC 2  B DC  6  1_555 ? ? ? ? ? ? TYPE_15_PAIR ?     ? ? 
hydrog4  hydrog ? ? A DC 2 O2  ? ? ? 1_555 B DC  2 N4 ? ? A DC 2  B DC  6  1_555 ? ? ? ? ? ? TYPE_15_PAIR ?     ? ? 
hydrog5  hydrog ? ? A DC 3 N4  ? ? ? 1_555 B DC  3 O2 ? ? A DC 3  B DC  7  1_555 ? ? ? ? ? ? TYPE_15_PAIR ?     ? ? 
hydrog6  hydrog ? ? A DC 3 O2  ? ? ? 1_555 B DC  3 N4 ? ? A DC 3  B DC  7  1_555 ? ? ? ? ? ? TYPE_15_PAIR ?     ? ? 
hydrog7  hydrog ? ? C DC 1 N4  ? ? ? 1_555 D DC  1 O2 ? ? C DC 9  D DC  13 1_555 ? ? ? ? ? ? TYPE_15_PAIR ?     ? ? 
hydrog8  hydrog ? ? C DC 1 O2  ? ? ? 1_555 D DC  1 N4 ? ? C DC 9  D DC  13 1_555 ? ? ? ? ? ? TYPE_15_PAIR ?     ? ? 
hydrog9  hydrog ? ? C DC 2 N4  ? ? ? 1_555 D DC  2 O2 ? ? C DC 10 D DC  14 1_555 ? ? ? ? ? ? TYPE_15_PAIR ?     ? ? 
hydrog10 hydrog ? ? C DC 2 O2  ? ? ? 1_555 D DC  2 N4 ? ? C DC 10 D DC  14 1_555 ? ? ? ? ? ? TYPE_15_PAIR ?     ? ? 
hydrog11 hydrog ? ? C DC 3 N4  ? ? ? 1_555 D DC  3 O2 ? ? C DC 11 D DC  15 1_555 ? ? ? ? ? ? TYPE_15_PAIR ?     ? ? 
hydrog12 hydrog ? ? C DC 3 O2  ? ? ? 1_555 D DC  3 N4 ? ? C DC 11 D DC  15 1_555 ? ? ? ? ? ? TYPE_15_PAIR ?     ? ? 
# 
loop_
_struct_conn_type.id 
_struct_conn_type.criteria 
_struct_conn_type.reference 
metalc ? ? 
hydrog ? ? 
# 
loop_
_pdbx_struct_conn_angle.id 
_pdbx_struct_conn_angle.ptnr1_label_atom_id 
_pdbx_struct_conn_angle.ptnr1_label_alt_id 
_pdbx_struct_conn_angle.ptnr1_label_asym_id 
_pdbx_struct_conn_angle.ptnr1_label_comp_id 
_pdbx_struct_conn_angle.ptnr1_label_seq_id 
_pdbx_struct_conn_angle.ptnr1_auth_atom_id 
_pdbx_struct_conn_angle.ptnr1_auth_asym_id 
_pdbx_struct_conn_angle.ptnr1_auth_comp_id 
_pdbx_struct_conn_angle.ptnr1_auth_seq_id 
_pdbx_struct_conn_angle.ptnr1_PDB_ins_code 
_pdbx_struct_conn_angle.ptnr1_symmetry 
_pdbx_struct_conn_angle.ptnr2_label_atom_id 
_pdbx_struct_conn_angle.ptnr2_label_alt_id 
_pdbx_struct_conn_angle.ptnr2_label_asym_id 
_pdbx_struct_conn_angle.ptnr2_label_comp_id 
_pdbx_struct_conn_angle.ptnr2_label_seq_id 
_pdbx_struct_conn_angle.ptnr2_auth_atom_id 
_pdbx_struct_conn_angle.ptnr2_auth_asym_id 
_pdbx_struct_conn_angle.ptnr2_auth_comp_id 
_pdbx_struct_conn_angle.ptnr2_auth_seq_id 
_pdbx_struct_conn_angle.ptnr2_PDB_ins_code 
_pdbx_struct_conn_angle.ptnr2_symmetry 
_pdbx_struct_conn_angle.ptnr3_label_atom_id 
_pdbx_struct_conn_angle.ptnr3_label_alt_id 
_pdbx_struct_conn_angle.ptnr3_label_asym_id 
_pdbx_struct_conn_angle.ptnr3_label_comp_id 
_pdbx_struct_conn_angle.ptnr3_label_seq_id 
_pdbx_struct_conn_angle.ptnr3_auth_atom_id 
_pdbx_struct_conn_angle.ptnr3_auth_asym_id 
_pdbx_struct_conn_angle.ptnr3_auth_comp_id 
_pdbx_struct_conn_angle.ptnr3_auth_seq_id 
_pdbx_struct_conn_angle.ptnr3_PDB_ins_code 
_pdbx_struct_conn_angle.ptnr3_symmetry 
_pdbx_struct_conn_angle.value 
_pdbx_struct_conn_angle.value_esd 
1 OP1 ? B DT  4 ? B DT  8  ? 1_555 NA ? F NA . ? B NA 17 ? 1_555 O ? K HOH . ? D HOH 69 ? 1_555 122.5 ? 
2 O   ? J HOH . ? C HOH 35 ? 1_555 NA ? G NA . ? C NA 18 ? 1_555 O ? J HOH . ? C HOH 42 ? 1_555 143.7 ? 
# 
loop_
_struct_site.id 
_struct_site.pdbx_evidence_code 
_struct_site.pdbx_auth_asym_id 
_struct_site.pdbx_auth_comp_id 
_struct_site.pdbx_auth_seq_id 
_struct_site.pdbx_auth_ins_code 
_struct_site.pdbx_num_residues 
_struct_site.details 
AC1 Software B NA 17 ? 5 'BINDING SITE FOR RESIDUE NA B 17' 
AC2 Software C NA 18 ? 5 'BINDING SITE FOR RESIDUE NA C 18' 
AC3 Software A NA 19 ? 4 'BINDING SITE FOR RESIDUE NA A 19' 
# 
loop_
_struct_site_gen.id 
_struct_site_gen.site_id 
_struct_site_gen.pdbx_num_res 
_struct_site_gen.label_comp_id 
_struct_site_gen.label_asym_id 
_struct_site_gen.label_seq_id 
_struct_site_gen.pdbx_auth_ins_code 
_struct_site_gen.auth_comp_id 
_struct_site_gen.auth_asym_id 
_struct_site_gen.auth_seq_id 
_struct_site_gen.label_atom_id 
_struct_site_gen.label_alt_id 
_struct_site_gen.symmetry 
_struct_site_gen.details 
1  AC1 5 DT  B 4 ? DT  B 8  . ? 1_555 ? 
2  AC1 5 DT  C 4 ? DT  C 12 . ? 5_455 ? 
3  AC1 5 DT  D 4 ? DT  D 16 . ? 7_556 ? 
4  AC1 5 HOH K . ? HOH D 31 . ? 3_556 ? 
5  AC1 5 HOH K . ? HOH D 69 . ? 1_555 ? 
6  AC2 5 DC  A 2 ? DC  A 2  . ? 3_656 ? 
7  AC2 5 DC  A 3 ? DC  A 3  . ? 3_656 ? 
8  AC2 5 DC  C 3 ? DC  C 11 . ? 1_555 ? 
9  AC2 5 HOH J . ? HOH C 35 . ? 1_555 ? 
10 AC2 5 HOH J . ? HOH C 42 . ? 1_555 ? 
11 AC3 4 DC  A 1 ? DC  A 1  . ? 1_555 ? 
12 AC3 4 DC  A 2 ? DC  A 2  . ? 1_555 ? 
13 AC3 4 HOH H . ? HOH A 44 . ? 3_656 ? 
14 AC3 4 HOH J . ? HOH C 43 . ? 3_656 ? 
# 
_pdbx_validate_close_contact.id               1 
_pdbx_validate_close_contact.PDB_model_num    1 
_pdbx_validate_close_contact.auth_atom_id_1   O 
_pdbx_validate_close_contact.auth_asym_id_1   A 
_pdbx_validate_close_contact.auth_comp_id_1   HOH 
_pdbx_validate_close_contact.auth_seq_id_1    79 
_pdbx_validate_close_contact.PDB_ins_code_1   ? 
_pdbx_validate_close_contact.label_alt_id_1   ? 
_pdbx_validate_close_contact.auth_atom_id_2   O 
_pdbx_validate_close_contact.auth_asym_id_2   C 
_pdbx_validate_close_contact.auth_comp_id_2   HOH 
_pdbx_validate_close_contact.auth_seq_id_2    45 
_pdbx_validate_close_contact.PDB_ins_code_2   ? 
_pdbx_validate_close_contact.label_alt_id_2   ? 
_pdbx_validate_close_contact.dist             2.17 
# 
loop_
_pdbx_validate_symm_contact.id 
_pdbx_validate_symm_contact.PDB_model_num 
_pdbx_validate_symm_contact.auth_atom_id_1 
_pdbx_validate_symm_contact.auth_asym_id_1 
_pdbx_validate_symm_contact.auth_comp_id_1 
_pdbx_validate_symm_contact.auth_seq_id_1 
_pdbx_validate_symm_contact.PDB_ins_code_1 
_pdbx_validate_symm_contact.label_alt_id_1 
_pdbx_validate_symm_contact.site_symmetry_1 
_pdbx_validate_symm_contact.auth_atom_id_2 
_pdbx_validate_symm_contact.auth_asym_id_2 
_pdbx_validate_symm_contact.auth_comp_id_2 
_pdbx_validate_symm_contact.auth_seq_id_2 
_pdbx_validate_symm_contact.PDB_ins_code_2 
_pdbx_validate_symm_contact.label_alt_id_2 
_pdbx_validate_symm_contact.site_symmetry_2 
_pdbx_validate_symm_contact.dist 
1 1 O D HOH 68 ? ? 1_555 O D HOH 68 ? ? 3_556 1.42 
2 1 O D HOH 80 ? ? 1_555 O D HOH 80 ? ? 3_556 1.75 
# 
loop_
_pdbx_validate_rmsd_bond.id 
_pdbx_validate_rmsd_bond.PDB_model_num 
_pdbx_validate_rmsd_bond.auth_atom_id_1 
_pdbx_validate_rmsd_bond.auth_asym_id_1 
_pdbx_validate_rmsd_bond.auth_comp_id_1 
_pdbx_validate_rmsd_bond.auth_seq_id_1 
_pdbx_validate_rmsd_bond.PDB_ins_code_1 
_pdbx_validate_rmsd_bond.label_alt_id_1 
_pdbx_validate_rmsd_bond.auth_atom_id_2 
_pdbx_validate_rmsd_bond.auth_asym_id_2 
_pdbx_validate_rmsd_bond.auth_comp_id_2 
_pdbx_validate_rmsd_bond.auth_seq_id_2 
_pdbx_validate_rmsd_bond.PDB_ins_code_2 
_pdbx_validate_rmsd_bond.label_alt_id_2 
_pdbx_validate_rmsd_bond.bond_value 
_pdbx_validate_rmsd_bond.bond_target_value 
_pdbx_validate_rmsd_bond.bond_deviation 
_pdbx_validate_rmsd_bond.bond_standard_deviation 
_pdbx_validate_rmsd_bond.linker_flag 
1  1 "O3'" A DC 1  ? ? "C3'" A DC 1  ? ? 1.376 1.419 -0.043 0.006 N 
2  1 "C3'" A DC 2  ? ? "C2'" A DC 2  ? ? 1.454 1.516 -0.062 0.008 N 
3  1 "O4'" A DC 2  ? ? "C4'" A DC 2  ? ? 1.376 1.446 -0.070 0.010 N 
4  1 P     A DC 3  ? ? "O5'" A DC 3  ? ? 1.656 1.593 0.063  0.010 N 
5  1 "O4'" A DC 3  ? ? "C4'" A DC 3  ? ? 1.374 1.446 -0.072 0.010 N 
6  1 N1    A DC 3  ? ? C6    A DC 3  ? ? 1.326 1.367 -0.041 0.006 N 
7  1 C5    A DT 4  ? ? C7    A DT 4  ? ? 1.558 1.496 0.062  0.006 N 
8  1 "C5'" B DC 5  ? ? "C4'" B DC 5  ? ? 1.593 1.512 0.081  0.007 N 
9  1 "C4'" B DC 5  ? ? "C3'" B DC 5  ? ? 1.620 1.529 0.091  0.010 N 
10 1 "O3'" B DC 6  ? ? P     B DC 7  ? ? 1.679 1.607 0.072  0.012 Y 
11 1 "C5'" B DT 8  ? ? "C4'" B DT 8  ? ? 1.561 1.512 0.049  0.007 N 
12 1 "C5'" C DC 9  ? ? "C4'" C DC 9  ? ? 1.581 1.512 0.069  0.007 N 
13 1 N1    C DC 9  ? ? C6    C DC 9  ? ? 1.418 1.367 0.051  0.006 N 
14 1 C4    C DC 9  ? ? C5    C DC 9  ? ? 1.478 1.425 0.053  0.008 N 
15 1 "O3'" C DC 9  ? ? P     C DC 10 ? ? 1.711 1.607 0.104  0.012 Y 
16 1 P     C DC 11 ? ? "O5'" C DC 11 ? ? 1.662 1.593 0.069  0.010 N 
17 1 "C5'" C DC 11 ? ? "C4'" C DC 11 ? ? 1.575 1.512 0.063  0.007 N 
18 1 N1    C DC 11 ? ? C6    C DC 11 ? ? 1.331 1.367 -0.036 0.006 N 
19 1 "C4'" C DT 12 ? ? "C3'" C DT 12 ? ? 1.613 1.529 0.084  0.010 N 
20 1 N1    C DT 12 ? ? C2    C DT 12 ? ? 1.430 1.376 0.054  0.008 N 
21 1 C5    C DT 12 ? ? C7    C DT 12 ? ? 1.542 1.496 0.046  0.006 N 
22 1 "C4'" D DC 13 ? ? "C3'" D DC 13 ? ? 1.604 1.529 0.075  0.010 N 
23 1 P     D DC 15 ? ? "O5'" D DC 15 ? ? 1.655 1.593 0.062  0.010 N 
24 1 "C5'" D DC 15 ? ? "C4'" D DC 15 ? ? 1.427 1.509 -0.082 0.011 N 
25 1 N1    D DT 16 ? ? C2    D DT 16 ? ? 1.314 1.376 -0.062 0.008 N 
26 1 C5    D DT 16 ? ? C7    D DT 16 ? ? 1.574 1.496 0.078  0.006 N 
# 
loop_
_pdbx_validate_rmsd_angle.id 
_pdbx_validate_rmsd_angle.PDB_model_num 
_pdbx_validate_rmsd_angle.auth_atom_id_1 
_pdbx_validate_rmsd_angle.auth_asym_id_1 
_pdbx_validate_rmsd_angle.auth_comp_id_1 
_pdbx_validate_rmsd_angle.auth_seq_id_1 
_pdbx_validate_rmsd_angle.PDB_ins_code_1 
_pdbx_validate_rmsd_angle.label_alt_id_1 
_pdbx_validate_rmsd_angle.auth_atom_id_2 
_pdbx_validate_rmsd_angle.auth_asym_id_2 
_pdbx_validate_rmsd_angle.auth_comp_id_2 
_pdbx_validate_rmsd_angle.auth_seq_id_2 
_pdbx_validate_rmsd_angle.PDB_ins_code_2 
_pdbx_validate_rmsd_angle.label_alt_id_2 
_pdbx_validate_rmsd_angle.auth_atom_id_3 
_pdbx_validate_rmsd_angle.auth_asym_id_3 
_pdbx_validate_rmsd_angle.auth_comp_id_3 
_pdbx_validate_rmsd_angle.auth_seq_id_3 
_pdbx_validate_rmsd_angle.PDB_ins_code_3 
_pdbx_validate_rmsd_angle.label_alt_id_3 
_pdbx_validate_rmsd_angle.angle_value 
_pdbx_validate_rmsd_angle.angle_target_value 
_pdbx_validate_rmsd_angle.angle_deviation 
_pdbx_validate_rmsd_angle.angle_standard_deviation 
_pdbx_validate_rmsd_angle.linker_flag 
1  1 "O4'" A DC 1  ? ? "C4'" A DC 1  ? ? "C3'" A DC 1  ? ? 100.60 104.50 -3.90  0.40 N 
2  1 "C1'" A DC 1  ? ? "O4'" A DC 1  ? ? "C4'" A DC 1  ? ? 114.52 110.30 4.22   0.70 N 
3  1 "O4'" A DC 2  ? ? "C1'" A DC 2  ? ? "C2'" A DC 2  ? ? 110.28 106.80 3.48   0.50 N 
4  1 "O4'" A DC 2  ? ? "C1'" A DC 2  ? ? N1    A DC 2  ? ? 110.57 108.30 2.27   0.30 N 
5  1 "O4'" A DC 3  ? ? "C1'" A DC 3  ? ? "C2'" A DC 3  ? ? 110.05 106.80 3.25   0.50 N 
6  1 "O4'" A DT 4  ? ? "C1'" A DT 4  ? ? "C2'" A DT 4  ? ? 110.27 106.80 3.47   0.50 N 
7  1 "O4'" A DT 4  ? ? "C1'" A DT 4  ? ? N1    A DT 4  ? ? 103.31 108.00 -4.69  0.70 N 
8  1 N3    A DT 4  ? ? C4    A DT 4  ? ? O4    A DT 4  ? ? 113.75 119.90 -6.15  0.60 N 
9  1 C4    A DT 4  ? ? C5    A DT 4  ? ? C7    A DT 4  ? ? 123.01 119.00 4.01   0.60 N 
10 1 C6    A DT 4  ? ? C5    A DT 4  ? ? C7    A DT 4  ? ? 119.28 122.90 -3.62  0.60 N 
11 1 "O4'" B DC 5  ? ? "C1'" B DC 5  ? ? "C2'" B DC 5  ? ? 110.95 106.80 4.15   0.50 N 
12 1 "O3'" B DC 5  ? ? P     B DC 6  ? ? "O5'" B DC 6  ? ? 92.05  104.00 -11.95 1.90 Y 
13 1 "O4'" B DC 6  ? ? "C4'" B DC 6  ? ? "C3'" B DC 6  ? ? 112.59 106.00 6.59   0.60 N 
14 1 "C1'" B DC 6  ? ? "O4'" B DC 6  ? ? "C4'" B DC 6  ? ? 100.15 110.10 -9.95  1.00 N 
15 1 "O3'" B DC 6  ? ? P     B DC 7  ? ? "O5'" B DC 7  ? ? 90.32  104.00 -13.68 1.90 Y 
16 1 "O4'" B DC 7  ? ? "C1'" B DC 7  ? ? N1    B DC 7  ? ? 102.92 108.00 -5.08  0.70 N 
17 1 C4    B DT 8  ? ? C5    B DT 8  ? ? C7    B DT 8  ? ? 123.94 119.00 4.94   0.60 N 
18 1 "O4'" C DC 9  ? ? "C1'" C DC 9  ? ? N1    C DC 9  ? ? 110.36 108.30 2.06   0.30 N 
19 1 P     C DC 10 ? ? "O5'" C DC 10 ? ? "C5'" C DC 10 ? ? 134.57 120.90 13.67  1.60 N 
20 1 "C1'" C DC 10 ? ? "O4'" C DC 10 ? ? "C4'" C DC 10 ? ? 103.92 110.10 -6.18  1.00 N 
21 1 "O4'" C DC 10 ? ? "C1'" C DC 10 ? ? "C2'" C DC 10 ? ? 111.02 106.80 4.22   0.50 N 
22 1 "O4'" C DC 11 ? ? "C1'" C DC 11 ? ? "C2'" C DC 11 ? ? 110.17 106.80 3.37   0.50 N 
23 1 "O4'" C DT 12 ? ? "C1'" C DT 12 ? ? "C2'" C DT 12 ? ? 110.80 106.80 4.00   0.50 N 
24 1 C2    D DC 13 ? ? N3    D DC 13 ? ? C4    D DC 13 ? ? 125.03 119.90 5.13   0.50 N 
25 1 N3    D DC 13 ? ? C4    D DC 13 ? ? C5    D DC 13 ? ? 118.47 121.90 -3.43  0.40 N 
26 1 "O5'" D DC 14 ? ? "C5'" D DC 14 ? ? "C4'" D DC 14 ? ? 98.41  109.40 -10.99 0.80 N 
27 1 C2    D DC 14 ? ? N3    D DC 14 ? ? C4    D DC 14 ? ? 123.52 119.90 3.62   0.50 N 
28 1 "O4'" D DC 15 ? ? "C1'" D DC 15 ? ? "C2'" D DC 15 ? ? 110.04 106.80 3.24   0.50 N 
29 1 "O4'" D DC 15 ? ? "C1'" D DC 15 ? ? N1    D DC 15 ? ? 103.44 108.00 -4.56  0.70 N 
30 1 "C4'" D DT 16 ? ? "C3'" D DT 16 ? ? "C2'" D DT 16 ? ? 97.81  102.20 -4.39  0.70 N 
# 
_pdbx_validate_planes.id              1 
_pdbx_validate_planes.PDB_model_num   1 
_pdbx_validate_planes.auth_comp_id    DC 
_pdbx_validate_planes.auth_asym_id    A 
_pdbx_validate_planes.auth_seq_id     3 
_pdbx_validate_planes.PDB_ins_code    ? 
_pdbx_validate_planes.label_alt_id    ? 
_pdbx_validate_planes.rmsd            0.066 
_pdbx_validate_planes.type            'SIDE CHAIN' 
# 
loop_
_pdbx_struct_special_symmetry.id 
_pdbx_struct_special_symmetry.PDB_model_num 
_pdbx_struct_special_symmetry.auth_asym_id 
_pdbx_struct_special_symmetry.auth_comp_id 
_pdbx_struct_special_symmetry.auth_seq_id 
_pdbx_struct_special_symmetry.PDB_ins_code 
_pdbx_struct_special_symmetry.label_asym_id 
_pdbx_struct_special_symmetry.label_comp_id 
_pdbx_struct_special_symmetry.label_seq_id 
1 1 A HOH 20 ? H HOH . 
2 1 D HOH 81 ? K HOH . 
# 
loop_
_refine_B_iso.class 
_refine_B_iso.details 
_refine_B_iso.treatment 
_refine_B_iso.pdbx_refine_id 
'ALL ATOMS'  TR isotropic 'X-RAY DIFFRACTION' 
'ALL WATERS' TR isotropic 'X-RAY DIFFRACTION' 
# 
loop_
_refine_occupancy.class 
_refine_occupancy.treatment 
_refine_occupancy.pdbx_refine_id 
'ALL ATOMS'  fix 'X-RAY DIFFRACTION' 
'ALL WATERS' fix 'X-RAY DIFFRACTION' 
# 
loop_
_chem_comp_atom.comp_id 
_chem_comp_atom.atom_id 
_chem_comp_atom.type_symbol 
_chem_comp_atom.pdbx_aromatic_flag 
_chem_comp_atom.pdbx_stereo_config 
_chem_comp_atom.pdbx_ordinal 
DC  OP3    O  N N 1  
DC  P      P  N N 2  
DC  OP1    O  N N 3  
DC  OP2    O  N N 4  
DC  "O5'"  O  N N 5  
DC  "C5'"  C  N N 6  
DC  "C4'"  C  N R 7  
DC  "O4'"  O  N N 8  
DC  "C3'"  C  N S 9  
DC  "O3'"  O  N N 10 
DC  "C2'"  C  N N 11 
DC  "C1'"  C  N R 12 
DC  N1     N  N N 13 
DC  C2     C  N N 14 
DC  O2     O  N N 15 
DC  N3     N  N N 16 
DC  C4     C  N N 17 
DC  N4     N  N N 18 
DC  C5     C  N N 19 
DC  C6     C  N N 20 
DC  HOP3   H  N N 21 
DC  HOP2   H  N N 22 
DC  "H5'"  H  N N 23 
DC  "H5''" H  N N 24 
DC  "H4'"  H  N N 25 
DC  "H3'"  H  N N 26 
DC  "HO3'" H  N N 27 
DC  "H2'"  H  N N 28 
DC  "H2''" H  N N 29 
DC  "H1'"  H  N N 30 
DC  H41    H  N N 31 
DC  H42    H  N N 32 
DC  H5     H  N N 33 
DC  H6     H  N N 34 
DT  OP3    O  N N 35 
DT  P      P  N N 36 
DT  OP1    O  N N 37 
DT  OP2    O  N N 38 
DT  "O5'"  O  N N 39 
DT  "C5'"  C  N N 40 
DT  "C4'"  C  N R 41 
DT  "O4'"  O  N N 42 
DT  "C3'"  C  N S 43 
DT  "O3'"  O  N N 44 
DT  "C2'"  C  N N 45 
DT  "C1'"  C  N R 46 
DT  N1     N  N N 47 
DT  C2     C  N N 48 
DT  O2     O  N N 49 
DT  N3     N  N N 50 
DT  C4     C  N N 51 
DT  O4     O  N N 52 
DT  C5     C  N N 53 
DT  C7     C  N N 54 
DT  C6     C  N N 55 
DT  HOP3   H  N N 56 
DT  HOP2   H  N N 57 
DT  "H5'"  H  N N 58 
DT  "H5''" H  N N 59 
DT  "H4'"  H  N N 60 
DT  "H3'"  H  N N 61 
DT  "HO3'" H  N N 62 
DT  "H2'"  H  N N 63 
DT  "H2''" H  N N 64 
DT  "H1'"  H  N N 65 
DT  H3     H  N N 66 
DT  H71    H  N N 67 
DT  H72    H  N N 68 
DT  H73    H  N N 69 
DT  H6     H  N N 70 
HOH O      O  N N 71 
HOH H1     H  N N 72 
HOH H2     H  N N 73 
NA  NA     NA N N 74 
# 
loop_
_chem_comp_bond.comp_id 
_chem_comp_bond.atom_id_1 
_chem_comp_bond.atom_id_2 
_chem_comp_bond.value_order 
_chem_comp_bond.pdbx_aromatic_flag 
_chem_comp_bond.pdbx_stereo_config 
_chem_comp_bond.pdbx_ordinal 
DC  OP3   P      sing N N 1  
DC  OP3   HOP3   sing N N 2  
DC  P     OP1    doub N N 3  
DC  P     OP2    sing N N 4  
DC  P     "O5'"  sing N N 5  
DC  OP2   HOP2   sing N N 6  
DC  "O5'" "C5'"  sing N N 7  
DC  "C5'" "C4'"  sing N N 8  
DC  "C5'" "H5'"  sing N N 9  
DC  "C5'" "H5''" sing N N 10 
DC  "C4'" "O4'"  sing N N 11 
DC  "C4'" "C3'"  sing N N 12 
DC  "C4'" "H4'"  sing N N 13 
DC  "O4'" "C1'"  sing N N 14 
DC  "C3'" "O3'"  sing N N 15 
DC  "C3'" "C2'"  sing N N 16 
DC  "C3'" "H3'"  sing N N 17 
DC  "O3'" "HO3'" sing N N 18 
DC  "C2'" "C1'"  sing N N 19 
DC  "C2'" "H2'"  sing N N 20 
DC  "C2'" "H2''" sing N N 21 
DC  "C1'" N1     sing N N 22 
DC  "C1'" "H1'"  sing N N 23 
DC  N1    C2     sing N N 24 
DC  N1    C6     sing N N 25 
DC  C2    O2     doub N N 26 
DC  C2    N3     sing N N 27 
DC  N3    C4     doub N N 28 
DC  C4    N4     sing N N 29 
DC  C4    C5     sing N N 30 
DC  N4    H41    sing N N 31 
DC  N4    H42    sing N N 32 
DC  C5    C6     doub N N 33 
DC  C5    H5     sing N N 34 
DC  C6    H6     sing N N 35 
DT  OP3   P      sing N N 36 
DT  OP3   HOP3   sing N N 37 
DT  P     OP1    doub N N 38 
DT  P     OP2    sing N N 39 
DT  P     "O5'"  sing N N 40 
DT  OP2   HOP2   sing N N 41 
DT  "O5'" "C5'"  sing N N 42 
DT  "C5'" "C4'"  sing N N 43 
DT  "C5'" "H5'"  sing N N 44 
DT  "C5'" "H5''" sing N N 45 
DT  "C4'" "O4'"  sing N N 46 
DT  "C4'" "C3'"  sing N N 47 
DT  "C4'" "H4'"  sing N N 48 
DT  "O4'" "C1'"  sing N N 49 
DT  "C3'" "O3'"  sing N N 50 
DT  "C3'" "C2'"  sing N N 51 
DT  "C3'" "H3'"  sing N N 52 
DT  "O3'" "HO3'" sing N N 53 
DT  "C2'" "C1'"  sing N N 54 
DT  "C2'" "H2'"  sing N N 55 
DT  "C2'" "H2''" sing N N 56 
DT  "C1'" N1     sing N N 57 
DT  "C1'" "H1'"  sing N N 58 
DT  N1    C2     sing N N 59 
DT  N1    C6     sing N N 60 
DT  C2    O2     doub N N 61 
DT  C2    N3     sing N N 62 
DT  N3    C4     sing N N 63 
DT  N3    H3     sing N N 64 
DT  C4    O4     doub N N 65 
DT  C4    C5     sing N N 66 
DT  C5    C7     sing N N 67 
DT  C5    C6     doub N N 68 
DT  C7    H71    sing N N 69 
DT  C7    H72    sing N N 70 
DT  C7    H73    sing N N 71 
DT  C6    H6     sing N N 72 
HOH O     H1     sing N N 73 
HOH O     H2     sing N N 74 
# 
loop_
_ndb_struct_conf_na.entry_id 
_ndb_struct_conf_na.feature 
191D 'double helix'         
191D 'parallel strands'     
191D 'mismatched base pair' 
# 
loop_
_ndb_struct_na_base_pair.model_number 
_ndb_struct_na_base_pair.i_label_asym_id 
_ndb_struct_na_base_pair.i_label_comp_id 
_ndb_struct_na_base_pair.i_label_seq_id 
_ndb_struct_na_base_pair.i_symmetry 
_ndb_struct_na_base_pair.j_label_asym_id 
_ndb_struct_na_base_pair.j_label_comp_id 
_ndb_struct_na_base_pair.j_label_seq_id 
_ndb_struct_na_base_pair.j_symmetry 
_ndb_struct_na_base_pair.shear 
_ndb_struct_na_base_pair.stretch 
_ndb_struct_na_base_pair.stagger 
_ndb_struct_na_base_pair.buckle 
_ndb_struct_na_base_pair.propeller 
_ndb_struct_na_base_pair.opening 
_ndb_struct_na_base_pair.pair_number 
_ndb_struct_na_base_pair.pair_name 
_ndb_struct_na_base_pair.i_auth_asym_id 
_ndb_struct_na_base_pair.i_auth_seq_id 
_ndb_struct_na_base_pair.i_PDB_ins_code 
_ndb_struct_na_base_pair.j_auth_asym_id 
_ndb_struct_na_base_pair.j_auth_seq_id 
_ndb_struct_na_base_pair.j_PDB_ins_code 
_ndb_struct_na_base_pair.hbond_type_28 
_ndb_struct_na_base_pair.hbond_type_12 
1 A DC 1 1_555 B DC 1 1_555 -2.027 -1.195 -0.104 7.330  -9.064 -179.417 1 A_DC1:DC5_B   A 1  ? B 5  ? 15 2 
1 D DC 3 1_555 C DC 3 1_555 -1.998 -1.148 -0.403 5.563  2.000  -179.394 2 D_DC15:DC11_C D 15 ? C 11 ? 15 2 
1 A DC 2 1_555 B DC 2 1_555 1.913  1.255  -0.009 0.589  -0.666 179.049  3 A_DC2:DC6_B   A 2  ? B 6  ? 15 2 
1 D DC 2 1_555 C DC 2 1_555 2.021  1.274  -0.089 -7.911 -2.171 178.895  4 D_DC14:DC10_C D 14 ? C 10 ? 15 2 
1 A DC 3 1_555 B DC 3 1_555 -1.968 -1.310 0.275  0.439  0.447  -179.669 5 A_DC3:DC7_B   A 3  ? B 7  ? 15 2 
1 D DC 1 1_555 C DC 1 1_555 -2.039 -1.348 0.036  3.938  0.460  -179.500 6 D_DC13:DC9_C  D 13 ? C 9  ? 15 2 
# 
loop_
_ndb_struct_na_base_pair_step.model_number 
_ndb_struct_na_base_pair_step.i_label_asym_id_1 
_ndb_struct_na_base_pair_step.i_label_comp_id_1 
_ndb_struct_na_base_pair_step.i_label_seq_id_1 
_ndb_struct_na_base_pair_step.i_symmetry_1 
_ndb_struct_na_base_pair_step.j_label_asym_id_1 
_ndb_struct_na_base_pair_step.j_label_comp_id_1 
_ndb_struct_na_base_pair_step.j_label_seq_id_1 
_ndb_struct_na_base_pair_step.j_symmetry_1 
_ndb_struct_na_base_pair_step.i_label_asym_id_2 
_ndb_struct_na_base_pair_step.i_label_comp_id_2 
_ndb_struct_na_base_pair_step.i_label_seq_id_2 
_ndb_struct_na_base_pair_step.i_symmetry_2 
_ndb_struct_na_base_pair_step.j_label_asym_id_2 
_ndb_struct_na_base_pair_step.j_label_comp_id_2 
_ndb_struct_na_base_pair_step.j_label_seq_id_2 
_ndb_struct_na_base_pair_step.j_symmetry_2 
_ndb_struct_na_base_pair_step.shift 
_ndb_struct_na_base_pair_step.slide 
_ndb_struct_na_base_pair_step.rise 
_ndb_struct_na_base_pair_step.tilt 
_ndb_struct_na_base_pair_step.roll 
_ndb_struct_na_base_pair_step.twist 
_ndb_struct_na_base_pair_step.x_displacement 
_ndb_struct_na_base_pair_step.y_displacement 
_ndb_struct_na_base_pair_step.helical_rise 
_ndb_struct_na_base_pair_step.inclination 
_ndb_struct_na_base_pair_step.tip 
_ndb_struct_na_base_pair_step.helical_twist 
_ndb_struct_na_base_pair_step.step_number 
_ndb_struct_na_base_pair_step.step_name 
_ndb_struct_na_base_pair_step.i_auth_asym_id_1 
_ndb_struct_na_base_pair_step.i_auth_seq_id_1 
_ndb_struct_na_base_pair_step.i_PDB_ins_code_1 
_ndb_struct_na_base_pair_step.j_auth_asym_id_1 
_ndb_struct_na_base_pair_step.j_auth_seq_id_1 
_ndb_struct_na_base_pair_step.j_PDB_ins_code_1 
_ndb_struct_na_base_pair_step.i_auth_asym_id_2 
_ndb_struct_na_base_pair_step.i_auth_seq_id_2 
_ndb_struct_na_base_pair_step.i_PDB_ins_code_2 
_ndb_struct_na_base_pair_step.j_auth_asym_id_2 
_ndb_struct_na_base_pair_step.j_auth_seq_id_2 
_ndb_struct_na_base_pair_step.j_PDB_ins_code_2 
1 A DC 1 1_555 B DC 1 1_555 D DC 3 1_555 C DC 3 1_555 -2.517 2.271  -0.171 122.409 121.467  -114.312 -1.114 -1.282 -0.042 -61.158 
61.632  -175.906 1 AD_DC1DC15:DC11DC5_CB A 1  ? B 5  ? D 15 ? C 11 ? 
1 D DC 3 1_555 C DC 3 1_555 A DC 2 1_555 B DC 2 1_555 -2.778 -1.756 0.036  97.060  -144.259 -123.553 0.890  -1.381 0.075  72.431  
48.733  -177.103 2 DA_DC15DC2:DC6DC11_BC D 15 ? C 11 ? A 2  ? B 6  ? 
1 A DC 2 1_555 B DC 2 1_555 D DC 2 1_555 C DC 2 1_555 -1.815 2.454  0.017  133.907 115.649  48.352   1.178  0.965  0.217  58.416  
-67.638 177.204  3 AD_DC2DC14:DC10DC6_CB A 2  ? B 6  ? D 14 ? C 10 ? 
1 D DC 2 1_555 C DC 2 1_555 A DC 3 1_555 B DC 3 1_555 -2.711 -1.726 0.087  95.298  -145.182 127.320  -0.849 1.365  0.059  -72.865 
-47.829 177.190  4 DA_DC14DC3:DC7DC10_BC D 14 ? C 10 ? A 3  ? B 7  ? 
1 A DC 3 1_555 B DC 3 1_555 D DC 1 1_555 C DC 1 1_555 -2.489 2.078  -0.080 129.806 122.709  109.274  1.079  1.202  -0.286 61.442  
-64.995 179.204  5 AD_DC3DC13:DC9DC7_CB  A 3  ? B 7  ? D 13 ? C 9  ? 
# 
_atom_sites.entry_id                    191D 
_atom_sites.fract_transf_matrix[1][1]   -0.01283813 
_atom_sites.fract_transf_matrix[1][2]   0.03246085 
_atom_sites.fract_transf_matrix[1][3]   -0.00563334 
_atom_sites.fract_transf_matrix[2][1]   -0.02101123 
_atom_sites.fract_transf_matrix[2][2]   -0.00811710 
_atom_sites.fract_transf_matrix[2][3]   0.00111070 
_atom_sites.fract_transf_matrix[3][1]   -0.00024031 
_atom_sites.fract_transf_matrix[3][2]   0.00329521 
_atom_sites.fract_transf_matrix[3][3]   0.01953558 
_atom_sites.fract_transf_vector[1]      0.240315 
_atom_sites.fract_transf_vector[2]      0.298904 
_atom_sites.fract_transf_vector[3]      0.764976 
# 
loop_
_atom_type.symbol 
C  
H  
N  
NA 
O  
P  
# 
loop_
_atom_site.group_PDB 
_atom_site.id 
_atom_site.type_symbol 
_atom_site.label_atom_id 
_atom_site.label_alt_id 
_atom_site.label_comp_id 
_atom_site.label_asym_id 
_atom_site.label_entity_id 
_atom_site.label_seq_id 
_atom_site.pdbx_PDB_ins_code 
_atom_site.Cartn_x 
_atom_site.Cartn_y 
_atom_site.Cartn_z 
_atom_site.occupancy 
_atom_site.B_iso_or_equiv 
_atom_site.pdbx_formal_charge 
_atom_site.auth_seq_id 
_atom_site.auth_comp_id 
_atom_site.auth_asym_id 
_atom_site.auth_atom_id 
_atom_site.pdbx_PDB_model_num 
ATOM   1   O  "O5'"  . DC  A 1 1 ? 6.419   8.481   -6.444  1.00 14.32 ? 1  DC  A "O5'"  1 
ATOM   2   C  "C5'"  . DC  A 1 1 ? 5.195   7.970   -5.855  1.00 13.21 ? 1  DC  A "C5'"  1 
ATOM   3   C  "C4'"  . DC  A 1 1 ? 5.289   6.420   -5.842  1.00 13.60 ? 1  DC  A "C4'"  1 
ATOM   4   O  "O4'"  . DC  A 1 1 ? 6.313   5.851   -4.978  1.00 14.76 ? 1  DC  A "O4'"  1 
ATOM   5   C  "C3'"  . DC  A 1 1 ? 4.030   5.908   -5.159  1.00 12.60 ? 1  DC  A "C3'"  1 
ATOM   6   O  "O3'"  . DC  A 1 1 ? 3.078   5.852   -6.151  1.00 11.16 ? 1  DC  A "O3'"  1 
ATOM   7   C  "C2'"  . DC  A 1 1 ? 4.422   4.510   -4.663  1.00 13.47 ? 1  DC  A "C2'"  1 
ATOM   8   C  "C1'"  . DC  A 1 1 ? 5.909   4.682   -4.274  1.00 13.27 ? 1  DC  A "C1'"  1 
ATOM   9   N  N1     . DC  A 1 1 ? 6.162   4.957   -2.841  1.00 10.94 ? 1  DC  A N1     1 
ATOM   10  C  C2     . DC  A 1 1 ? 6.861   3.971   -2.158  1.00 11.50 ? 1  DC  A C2     1 
ATOM   11  O  O2     . DC  A 1 1 ? 7.341   3.040   -2.790  1.00 11.13 ? 1  DC  A O2     1 
ATOM   12  N  N3     . DC  A 1 1 ? 7.103   4.138   -0.805  1.00 10.82 ? 1  DC  A N3     1 
ATOM   13  C  C4     . DC  A 1 1 ? 6.691   5.245   -0.134  1.00 8.16  ? 1  DC  A C4     1 
ATOM   14  N  N4     . DC  A 1 1 ? 6.840   5.316   1.157   1.00 9.01  ? 1  DC  A N4     1 
ATOM   15  C  C5     . DC  A 1 1 ? 5.996   6.282   -0.833  1.00 9.82  ? 1  DC  A C5     1 
ATOM   16  C  C6     . DC  A 1 1 ? 5.748   6.100   -2.167  1.00 8.82  ? 1  DC  A C6     1 
ATOM   17  H  H41    . DC  A 1 1 ? 7.296   4.574   1.668   0.00 0.00  ? 1  DC  A H41    1 
ATOM   18  H  H42    . DC  A 1 1 ? 6.492   6.128   1.630   0.00 0.00  ? 1  DC  A H42    1 
ATOM   19  H  "HO5'" . DC  A 1 1 ? 7.146   7.971   -6.079  0.00 0.00  ? 1  DC  A "HO5'" 1 
ATOM   20  P  P      . DC  A 1 2 ? 1.487   5.676   -5.861  1.00 11.41 ? 2  DC  A P      1 
ATOM   21  O  OP1    . DC  A 1 2 ? 0.791   6.201   -7.055  1.00 11.25 ? 2  DC  A OP1    1 
ATOM   22  O  OP2    . DC  A 1 2 ? 1.201   6.186   -4.564  1.00 8.79  ? 2  DC  A OP2    1 
ATOM   23  O  "O5'"  . DC  A 1 2 ? 1.416   4.100   -5.875  1.00 9.92  ? 2  DC  A "O5'"  1 
ATOM   24  C  "C5'"  . DC  A 1 2 ? 1.744   3.279   -7.021  1.00 10.39 ? 2  DC  A "C5'"  1 
ATOM   25  C  "C4'"  . DC  A 1 2 ? 1.535   1.792   -6.712  1.00 12.80 ? 2  DC  A "C4'"  1 
ATOM   26  O  "O4'"  . DC  A 1 2 ? 2.321   1.489   -5.625  1.00 12.24 ? 2  DC  A "O4'"  1 
ATOM   27  C  "C3'"  . DC  A 1 2 ? 0.077   1.425   -6.318  1.00 12.72 ? 2  DC  A "C3'"  1 
ATOM   28  O  "O3'"  . DC  A 1 2 ? -0.589  1.135   -7.537  1.00 15.83 ? 2  DC  A "O3'"  1 
ATOM   29  C  "C2'"  . DC  A 1 2 ? 0.233   0.259   -5.465  1.00 10.89 ? 2  DC  A "C2'"  1 
ATOM   30  C  "C1'"  . DC  A 1 2 ? 1.563   0.572   -4.807  1.00 11.37 ? 2  DC  A "C1'"  1 
ATOM   31  N  N1     . DC  A 1 2 ? 1.345   1.137   -3.457  1.00 9.39  ? 2  DC  A N1     1 
ATOM   32  C  C2     . DC  A 1 2 ? 1.720   0.379   -2.381  1.00 10.00 ? 2  DC  A C2     1 
ATOM   33  O  O2     . DC  A 1 2 ? 2.183   -0.747  -2.513  1.00 11.95 ? 2  DC  A O2     1 
ATOM   34  N  N3     . DC  A 1 2 ? 1.568   0.859   -1.124  1.00 10.36 ? 2  DC  A N3     1 
ATOM   35  C  C4     . DC  A 1 2 ? 1.044   2.057   -0.911  1.00 9.22  ? 2  DC  A C4     1 
ATOM   36  N  N4     . DC  A 1 2 ? 0.855   2.395   0.368   1.00 10.45 ? 2  DC  A N4     1 
ATOM   37  C  C5     . DC  A 1 2 ? 0.646   2.853   -2.016  1.00 9.91  ? 2  DC  A C5     1 
ATOM   38  C  C6     . DC  A 1 2 ? 0.823   2.349   -3.255  1.00 9.03  ? 2  DC  A C6     1 
ATOM   39  H  H41    . DC  A 1 2 ? 0.347   3.222   0.604   0.00 0.00  ? 2  DC  A H41    1 
ATOM   40  H  H42    . DC  A 1 2 ? 1.226   1.813   1.104   0.00 0.00  ? 2  DC  A H42    1 
ATOM   41  P  P      . DC  A 1 3 ? -2.164  1.452   -7.796  1.00 17.76 ? 3  DC  A P      1 
ATOM   42  O  OP1    . DC  A 1 3 ? -2.361  1.397   -9.254  1.00 19.55 ? 3  DC  A OP1    1 
ATOM   43  O  OP2    . DC  A 1 3 ? -2.674  2.534   -6.977  1.00 16.68 ? 3  DC  A OP2    1 
ATOM   44  O  "O5'"  . DC  A 1 3 ? -2.933  0.147   -7.127  1.00 17.23 ? 3  DC  A "O5'"  1 
ATOM   45  C  "C5'"  . DC  A 1 3 ? -2.722  -1.138  -7.701  1.00 14.84 ? 3  DC  A "C5'"  1 
ATOM   46  C  "C4'"  . DC  A 1 3 ? -3.369  -2.182  -6.792  1.00 14.30 ? 3  DC  A "C4'"  1 
ATOM   47  O  "O4'"  . DC  A 1 3 ? -2.891  -1.996  -5.517  1.00 13.76 ? 3  DC  A "O4'"  1 
ATOM   48  C  "C3'"  . DC  A 1 3 ? -4.881  -2.053  -6.602  1.00 13.42 ? 3  DC  A "C3'"  1 
ATOM   49  O  "O3'"  . DC  A 1 3 ? -5.445  -2.607  -7.757  1.00 14.82 ? 3  DC  A "O3'"  1 
ATOM   50  C  "C2'"  . DC  A 1 3 ? -5.090  -2.935  -5.384  1.00 11.30 ? 3  DC  A "C2'"  1 
ATOM   51  C  "C1'"  . DC  A 1 3 ? -3.817  -2.607  -4.643  1.00 12.42 ? 3  DC  A "C1'"  1 
ATOM   52  N  N1     . DC  A 1 3 ? -3.948  -1.691  -3.509  1.00 10.91 ? 3  DC  A N1     1 
ATOM   53  C  C2     . DC  A 1 3 ? -3.854  -2.236  -2.247  1.00 10.90 ? 3  DC  A C2     1 
ATOM   54  O  O2     . DC  A 1 3 ? -3.471  -3.388  -2.106  1.00 12.12 ? 3  DC  A O2     1 
ATOM   55  N  N3     . DC  A 1 3 ? -4.150  -1.482  -1.162  1.00 9.29  ? 3  DC  A N3     1 
ATOM   56  C  C4     . DC  A 1 3 ? -4.520  -0.235  -1.331  1.00 8.44  ? 3  DC  A C4     1 
ATOM   57  N  N4     . DC  A 1 3 ? -4.851  0.481   -0.262  1.00 9.65  ? 3  DC  A N4     1 
ATOM   58  C  C5     . DC  A 1 3 ? -4.585  0.340   -2.664  1.00 10.76 ? 3  DC  A C5     1 
ATOM   59  C  C6     . DC  A 1 3 ? -4.286  -0.424  -3.704  1.00 8.91  ? 3  DC  A C6     1 
ATOM   60  H  H41    . DC  A 1 3 ? -5.174  1.426   -0.375  0.00 0.00  ? 3  DC  A H41    1 
ATOM   61  H  H42    . DC  A 1 3 ? -4.779  0.074   0.658   0.00 0.00  ? 3  DC  A H42    1 
ATOM   62  P  P      . DT  A 1 4 ? -7.069  -2.426  -8.128  1.00 17.37 ? 4  DT  A P      1 
ATOM   63  O  OP1    . DT  A 1 4 ? -7.186  -2.802  -9.540  1.00 18.11 ? 4  DT  A OP1    1 
ATOM   64  O  OP2    . DT  A 1 4 ? -7.618  -1.135  -7.709  1.00 15.90 ? 4  DT  A OP2    1 
ATOM   65  O  "O5'"  . DT  A 1 4 ? -7.929  -3.521  -7.237  1.00 15.81 ? 4  DT  A "O5'"  1 
ATOM   66  C  "C5'"  . DT  A 1 4 ? -7.560  -4.927  -7.490  1.00 16.19 ? 4  DT  A "C5'"  1 
ATOM   67  C  "C4'"  . DT  A 1 4 ? -8.368  -5.801  -6.552  1.00 15.07 ? 4  DT  A "C4'"  1 
ATOM   68  O  "O4'"  . DT  A 1 4 ? -8.210  -5.253  -5.241  1.00 14.96 ? 4  DT  A "O4'"  1 
ATOM   69  C  "C3'"  . DT  A 1 4 ? -9.919  -5.718  -6.822  1.00 15.20 ? 4  DT  A "C3'"  1 
ATOM   70  O  "O3'"  . DT  A 1 4 ? -10.146 -6.680  -7.872  1.00 12.42 ? 4  DT  A "O3'"  1 
ATOM   71  C  "C2'"  . DT  A 1 4 ? -10.498 -6.035  -5.476  1.00 13.11 ? 4  DT  A "C2'"  1 
ATOM   72  C  "C1'"  . DT  A 1 4 ? -9.392  -5.613  -4.513  1.00 14.45 ? 4  DT  A "C1'"  1 
ATOM   73  N  N1     . DT  A 1 4 ? -9.680  -4.427  -3.738  1.00 13.34 ? 4  DT  A N1     1 
ATOM   74  C  C2     . DT  A 1 4 ? -9.676  -4.555  -2.373  1.00 12.29 ? 4  DT  A C2     1 
ATOM   75  O  O2     . DT  A 1 4 ? -9.258  -5.535  -1.800  1.00 15.48 ? 4  DT  A O2     1 
ATOM   76  N  N3     . DT  A 1 4 ? -10.033 -3.455  -1.671  1.00 11.98 ? 4  DT  A N3     1 
ATOM   77  C  C4     . DT  A 1 4 ? -10.362 -2.283  -2.229  1.00 11.70 ? 4  DT  A C4     1 
ATOM   78  O  O4     . DT  A 1 4 ? -10.760 -1.458  -1.434  1.00 13.60 ? 4  DT  A O4     1 
ATOM   79  C  C5     . DT  A 1 4 ? -10.314 -2.165  -3.667  1.00 10.19 ? 4  DT  A C5     1 
ATOM   80  C  C7     . DT  A 1 4 ? -10.515 -0.813  -4.415  1.00 11.09 ? 4  DT  A C7     1 
ATOM   81  C  C6     . DT  A 1 4 ? -9.987  -3.235  -4.353  1.00 12.44 ? 4  DT  A C6     1 
ATOM   82  H  "HO3'" . DT  A 1 4 ? -9.664  -6.385  -8.649  0.00 0.00  ? 4  DT  A "HO3'" 1 
ATOM   83  H  H3     . DT  A 1 4 ? -10.045 -3.519  -0.665  0.00 0.00  ? 4  DT  A H3     1 
ATOM   84  O  "O5'"  . DC  B 1 1 ? 11.058  -1.794  4.525   1.00 23.66 ? 5  DC  B "O5'"  1 
ATOM   85  C  "C5'"  . DC  B 1 1 ? 11.016  -0.969  5.694   1.00 19.96 ? 5  DC  B "C5'"  1 
ATOM   86  C  "C4'"  . DC  B 1 1 ? 9.972   0.234   5.703   1.00 20.22 ? 5  DC  B "C4'"  1 
ATOM   87  O  "O4'"  . DC  B 1 1 ? 9.966   1.098   4.505   1.00 17.83 ? 5  DC  B "O4'"  1 
ATOM   88  C  "C3'"  . DC  B 1 1 ? 8.455   -0.291  5.919   1.00 19.05 ? 5  DC  B "C3'"  1 
ATOM   89  O  "O3'"  . DC  B 1 1 ? 7.861   0.698   6.815   1.00 20.51 ? 5  DC  B "O3'"  1 
ATOM   90  C  "C2'"  . DC  B 1 1 ? 7.851   -0.225  4.533   1.00 17.60 ? 5  DC  B "C2'"  1 
ATOM   91  C  "C1'"  . DC  B 1 1 ? 8.603   1.042   3.991   1.00 16.86 ? 5  DC  B "C1'"  1 
ATOM   92  N  N1     . DC  B 1 1 ? 8.704   0.991   2.530   1.00 15.70 ? 5  DC  B N1     1 
ATOM   93  C  C2     . DC  B 1 1 ? 8.201   2.087   1.838   1.00 11.88 ? 5  DC  B C2     1 
ATOM   94  O  O2     . DC  B 1 1 ? 7.836   3.047   2.478   1.00 13.61 ? 5  DC  B O2     1 
ATOM   95  N  N3     . DC  B 1 1 ? 8.180   2.050   0.501   1.00 12.21 ? 5  DC  B N3     1 
ATOM   96  C  C4     . DC  B 1 1 ? 8.651   0.980   -0.181  1.00 11.93 ? 5  DC  B C4     1 
ATOM   97  N  N4     . DC  B 1 1 ? 8.613   0.915   -1.498  1.00 12.43 ? 5  DC  B N4     1 
ATOM   98  C  C5     . DC  B 1 1 ? 9.203   -0.165  0.509   1.00 14.38 ? 5  DC  B C5     1 
ATOM   99  C  C6     . DC  B 1 1 ? 9.212   -0.124  1.867   1.00 13.35 ? 5  DC  B C6     1 
ATOM   100 H  H41    . DC  B 1 1 ? 8.951   0.097   -1.977  0.00 0.00  ? 5  DC  B H41    1 
ATOM   101 H  H42    . DC  B 1 1 ? 8.248   1.690   -2.031  0.00 0.00  ? 5  DC  B H42    1 
ATOM   102 H  "HO5'" . DC  B 1 1 ? 11.210  -1.214  3.775   0.00 0.00  ? 5  DC  B "HO5'" 1 
ATOM   103 P  P      . DC  B 1 2 ? 6.853   0.267   7.983   1.00 21.45 ? 6  DC  B P      1 
ATOM   104 O  OP1    . DC  B 1 2 ? 6.413   1.484   8.739   1.00 23.68 ? 6  DC  B OP1    1 
ATOM   105 O  OP2    . DC  B 1 2 ? 7.262   -0.960  8.691   1.00 20.15 ? 6  DC  B OP2    1 
ATOM   106 O  "O5'"  . DC  B 1 2 ? 5.725   -0.192  6.919   1.00 22.90 ? 6  DC  B "O5'"  1 
ATOM   107 C  "C5'"  . DC  B 1 2 ? 4.526   -0.901  7.363   1.00 18.82 ? 6  DC  B "C5'"  1 
ATOM   108 C  "C4'"  . DC  B 1 2 ? 3.359   -0.338  6.605   1.00 17.10 ? 6  DC  B "C4'"  1 
ATOM   109 O  "O4'"  . DC  B 1 2 ? 3.703   -0.370  5.248   1.00 14.81 ? 6  DC  B "O4'"  1 
ATOM   110 C  "C3'"  . DC  B 1 2 ? 2.030   -1.116  6.909   1.00 14.63 ? 6  DC  B "C3'"  1 
ATOM   111 O  "O3'"  . DC  B 1 2 ? 1.264   -0.161  7.585   1.00 16.69 ? 6  DC  B "O3'"  1 
ATOM   112 C  "C2'"  . DC  B 1 2 ? 1.569   -1.396  5.532   1.00 14.53 ? 6  DC  B "C2'"  1 
ATOM   113 C  "C1'"  . DC  B 1 2 ? 2.385   -0.458  4.653   1.00 14.20 ? 6  DC  B "C1'"  1 
ATOM   114 N  N1     . DC  B 1 2 ? 2.612   -1.014  3.342   1.00 12.10 ? 6  DC  B N1     1 
ATOM   115 C  C2     . DC  B 1 2 ? 2.233   -0.272  2.286   1.00 9.64  ? 6  DC  B C2     1 
ATOM   116 O  O2     . DC  B 1 2 ? 1.815   0.838   2.492   1.00 12.01 ? 6  DC  B O2     1 
ATOM   117 N  N3     . DC  B 1 2 ? 2.378   -0.769  1.071   1.00 10.09 ? 6  DC  B N3     1 
ATOM   118 C  C4     . DC  B 1 2 ? 2.907   -2.005  0.880   1.00 11.02 ? 6  DC  B C4     1 
ATOM   119 N  N4     . DC  B 1 2 ? 3.060   -2.421  -0.394  1.00 10.73 ? 6  DC  B N4     1 
ATOM   120 C  C5     . DC  B 1 2 ? 3.332   -2.835  1.990   1.00 11.21 ? 6  DC  B C5     1 
ATOM   121 C  C6     . DC  B 1 2 ? 3.167   -2.285  3.201   1.00 11.86 ? 6  DC  B C6     1 
ATOM   122 H  H41    . DC  B 1 2 ? 3.472   -3.318  -0.586  0.00 0.00  ? 6  DC  B H41    1 
ATOM   123 H  H42    . DC  B 1 2 ? 2.763   -1.826  -1.154  0.00 0.00  ? 6  DC  B H42    1 
ATOM   124 P  P      . DC  B 1 3 ? 0.046   -0.464  8.700   1.00 17.23 ? 7  DC  B P      1 
ATOM   125 O  OP1    . DC  B 1 3 ? -0.442  0.763   9.363   1.00 16.00 ? 7  DC  B OP1    1 
ATOM   126 O  OP2    . DC  B 1 3 ? 0.438   -1.666  9.424   1.00 18.50 ? 7  DC  B OP2    1 
ATOM   127 O  "O5'"  . DC  B 1 3 ? -0.970  -0.910  7.483   1.00 17.60 ? 7  DC  B "O5'"  1 
ATOM   128 C  "C5'"  . DC  B 1 3 ? -2.129  -1.808  7.780   1.00 15.69 ? 7  DC  B "C5'"  1 
ATOM   129 C  "C4'"  . DC  B 1 3 ? -3.292  -1.370  6.875   1.00 15.06 ? 7  DC  B "C4'"  1 
ATOM   130 O  "O4'"  . DC  B 1 3 ? -2.940  -1.538  5.480   1.00 14.95 ? 7  DC  B "O4'"  1 
ATOM   131 C  "C3'"  . DC  B 1 3 ? -4.473  -2.284  7.017   1.00 13.40 ? 7  DC  B "C3'"  1 
ATOM   132 O  "O3'"  . DC  B 1 3 ? -5.119  -1.821  8.161   1.00 13.00 ? 7  DC  B "O3'"  1 
ATOM   133 C  "C2'"  . DC  B 1 3 ? -5.252  -2.076  5.696   1.00 12.73 ? 7  DC  B "C2'"  1 
ATOM   134 C  "C1'"  . DC  B 1 3 ? -4.188  -1.557  4.756   1.00 13.69 ? 7  DC  B "C1'"  1 
ATOM   135 N  N1     . DC  B 1 3 ? -3.898  -2.413  3.639   1.00 13.54 ? 7  DC  B N1     1 
ATOM   136 C  C2     . DC  B 1 3 ? -3.986  -1.857  2.384   1.00 11.47 ? 7  DC  B C2     1 
ATOM   137 O  O2     . DC  B 1 3 ? -4.315  -0.669  2.231   1.00 12.62 ? 7  DC  B O2     1 
ATOM   138 N  N3     . DC  B 1 3 ? -3.683  -2.646  1.362   1.00 10.56 ? 7  DC  B N3     1 
ATOM   139 C  C4     . DC  B 1 3 ? -3.322  -3.878  1.526   1.00 10.25 ? 7  DC  B C4     1 
ATOM   140 N  N4     . DC  B 1 3 ? -3.077  -4.573  0.432   1.00 12.92 ? 7  DC  B N4     1 
ATOM   141 C  C5     . DC  B 1 3 ? -3.205  -4.506  2.785   1.00 12.16 ? 7  DC  B C5     1 
ATOM   142 C  C6     . DC  B 1 3 ? -3.509  -3.732  3.839   1.00 13.52 ? 7  DC  B C6     1 
ATOM   143 H  H41    . DC  B 1 3 ? -2.806  -5.543  0.502   0.00 0.00  ? 7  DC  B H41    1 
ATOM   144 H  H42    . DC  B 1 3 ? -3.165  -4.137  -0.473  0.00 0.00  ? 7  DC  B H42    1 
ATOM   145 P  P      . DT  B 1 4 ? -6.176  -2.828  8.944   1.00 12.69 ? 8  DT  B P      1 
ATOM   146 O  OP1    . DT  B 1 4 ? -7.069  -3.376  7.925   1.00 13.60 ? 8  DT  B OP1    1 
ATOM   147 O  OP2    . DT  B 1 4 ? -6.678  -2.086  10.055  1.00 14.06 ? 8  DT  B OP2    1 
ATOM   148 O  "O5'"  . DT  B 1 4 ? -5.288  -3.961  9.513   1.00 11.70 ? 8  DT  B "O5'"  1 
ATOM   149 C  "C5'"  . DT  B 1 4 ? -4.290  -3.825  10.555  1.00 12.49 ? 8  DT  B "C5'"  1 
ATOM   150 C  "C4'"  . DT  B 1 4 ? -3.666  -5.190  10.981  1.00 13.96 ? 8  DT  B "C4'"  1 
ATOM   151 O  "O4'"  . DT  B 1 4 ? -4.664  -5.894  11.729  1.00 13.35 ? 8  DT  B "O4'"  1 
ATOM   152 C  "C3'"  . DT  B 1 4 ? -3.265  -6.120  9.863   1.00 12.96 ? 8  DT  B "C3'"  1 
ATOM   153 O  "O3'"  . DT  B 1 4 ? -2.205  -6.909  10.276  1.00 13.96 ? 8  DT  B "O3'"  1 
ATOM   154 C  "C2'"  . DT  B 1 4 ? -4.479  -7.065  9.768   1.00 14.52 ? 8  DT  B "C2'"  1 
ATOM   155 C  "C1'"  . DT  B 1 4 ? -4.975  -7.187  11.189  1.00 13.02 ? 8  DT  B "C1'"  1 
ATOM   156 N  N1     . DT  B 1 4 ? -6.447  -7.315  11.303  1.00 13.51 ? 8  DT  B N1     1 
ATOM   157 C  C2     . DT  B 1 4 ? -6.905  -8.537  11.673  1.00 14.78 ? 8  DT  B C2     1 
ATOM   158 O  O2     . DT  B 1 4 ? -6.129  -9.472  11.838  1.00 18.81 ? 8  DT  B O2     1 
ATOM   159 N  N3     . DT  B 1 4 ? -8.265  -8.633  11.763  1.00 14.58 ? 8  DT  B N3     1 
ATOM   160 C  C4     . DT  B 1 4 ? -9.147  -7.660  11.519  1.00 14.28 ? 8  DT  B C4     1 
ATOM   161 O  O4     . DT  B 1 4 ? -10.316 -7.921  11.620  1.00 17.14 ? 8  DT  B O4     1 
ATOM   162 C  C5     . DT  B 1 4 ? -8.629  -6.364  11.121  1.00 15.25 ? 8  DT  B C5     1 
ATOM   163 C  C7     . DT  B 1 4 ? -9.503  -5.161  10.810  1.00 15.14 ? 8  DT  B C7     1 
ATOM   164 C  C6     . DT  B 1 4 ? -7.284  -6.259  11.029  1.00 13.87 ? 8  DT  B C6     1 
ATOM   165 H  "HO3'" . DT  B 1 4 ? -1.475  -6.315  10.469  0.00 0.00  ? 8  DT  B "HO3'" 1 
ATOM   166 H  H3     . DT  B 1 4 ? -8.659  -9.517  12.038  0.00 0.00  ? 8  DT  B H3     1 
ATOM   167 O  "O5'"  . DC  C 1 1 ? -10.628 4.292   3.304   1.00 24.94 ? 9  DC  C "O5'"  1 
ATOM   168 C  "C5'"  . DC  C 1 1 ? -9.192  4.249   3.097   1.00 21.29 ? 9  DC  C "C5'"  1 
ATOM   169 C  "C4'"  . DC  C 1 1 ? -8.601  2.995   3.858   1.00 21.48 ? 9  DC  C "C4'"  1 
ATOM   170 O  "O4'"  . DC  C 1 1 ? -9.143  1.694   3.417   1.00 18.51 ? 9  DC  C "O4'"  1 
ATOM   171 C  "C3'"  . DC  C 1 1 ? -7.101  2.917   3.561   1.00 22.26 ? 9  DC  C "C3'"  1 
ATOM   172 O  "O3'"  . DC  C 1 1 ? -6.468  3.632   4.640   1.00 26.46 ? 9  DC  C "O3'"  1 
ATOM   173 C  "C2'"  . DC  C 1 1 ? -6.765  1.426   3.538   1.00 20.00 ? 9  DC  C "C2'"  1 
ATOM   174 C  "C1'"  . DC  C 1 1 ? -8.086  0.779   3.172   1.00 17.41 ? 9  DC  C "C1'"  1 
ATOM   175 N  N1     . DC  C 1 1 ? -8.073  0.372   1.732   1.00 16.56 ? 9  DC  C N1     1 
ATOM   176 C  C2     . DC  C 1 1 ? -7.663  -0.992  1.488   1.00 13.33 ? 9  DC  C C2     1 
ATOM   177 O  O2     . DC  C 1 1 ? -7.508  -1.774  2.417   1.00 13.45 ? 9  DC  C O2     1 
ATOM   178 N  N3     . DC  C 1 1 ? -7.522  -1.368  0.207   1.00 11.33 ? 9  DC  C N3     1 
ATOM   179 C  C4     . DC  C 1 1 ? -7.776  -0.507  -0.813  1.00 10.99 ? 9  DC  C C4     1 
ATOM   180 N  N4     . DC  C 1 1 ? -7.518  -0.887  -2.072  1.00 10.53 ? 9  DC  C N4     1 
ATOM   181 C  C5     . DC  C 1 1 ? -8.241  0.878   -0.587  1.00 12.96 ? 9  DC  C C5     1 
ATOM   182 C  C6     . DC  C 1 1 ? -8.369  1.276   0.681   1.00 12.42 ? 9  DC  C C6     1 
ATOM   183 H  H41    . DC  C 1 1 ? -7.641  -0.239  -2.835  0.00 0.00  ? 9  DC  C H41    1 
ATOM   184 H  H42    . DC  C 1 1 ? -7.201  -1.829  -2.254  0.00 0.00  ? 9  DC  C H42    1 
ATOM   185 H  "HO5'" . DC  C 1 1 ? -10.777 4.325   4.250   0.00 0.00  ? 9  DC  C "HO5'" 1 
ATOM   186 P  P      . DC  C 1 2 ? -5.221  4.773   4.372   1.00 28.59 ? 10 DC  C P      1 
ATOM   187 O  OP1    . DC  C 1 2 ? -5.492  5.965   5.267   1.00 30.45 ? 10 DC  C OP1    1 
ATOM   188 O  OP2    . DC  C 1 2 ? -4.921  4.969   2.906   1.00 29.16 ? 10 DC  C OP2    1 
ATOM   189 O  "O5'"  . DC  C 1 2 ? -3.960  3.912   4.969   1.00 26.02 ? 10 DC  C "O5'"  1 
ATOM   190 C  "C5'"  . DC  C 1 2 ? -3.661  3.304   6.245   1.00 18.41 ? 10 DC  C "C5'"  1 
ATOM   191 C  "C4'"  . DC  C 1 2 ? -2.425  2.428   6.027   1.00 14.51 ? 10 DC  C "C4'"  1 
ATOM   192 O  "O4'"  . DC  C 1 2 ? -2.728  1.463   4.991   1.00 12.50 ? 10 DC  C "O4'"  1 
ATOM   193 C  "C3'"  . DC  C 1 2 ? -1.167  3.210   5.503   1.00 13.01 ? 10 DC  C "C3'"  1 
ATOM   194 O  "O3'"  . DC  C 1 2 ? -0.641  3.909   6.644   1.00 14.23 ? 10 DC  C "O3'"  1 
ATOM   195 C  "C2'"  . DC  C 1 2 ? -0.317  2.095   4.983   1.00 12.21 ? 10 DC  C "C2'"  1 
ATOM   196 C  "C1'"  . DC  C 1 2 ? -1.433  1.127   4.438   1.00 12.12 ? 10 DC  C "C1'"  1 
ATOM   197 N  N1     . DC  C 1 2 ? -1.628  1.151   2.976   1.00 11.05 ? 10 DC  C N1     1 
ATOM   198 C  C2     . DC  C 1 2 ? -1.170  0.018   2.262   1.00 10.89 ? 10 DC  C C2     1 
ATOM   199 O  O2     . DC  C 1 2 ? -0.764  -0.969  2.854   1.00 10.43 ? 10 DC  C O2     1 
ATOM   200 N  N3     . DC  C 1 2 ? -1.269  0.070   0.924   1.00 10.41 ? 10 DC  C N3     1 
ATOM   201 C  C4     . DC  C 1 2 ? -1.792  1.136   0.283   1.00 9.23  ? 10 DC  C C4     1 
ATOM   202 N  N4     . DC  C 1 2 ? -1.855  1.114   -1.031  1.00 8.77  ? 10 DC  C N4     1 
ATOM   203 C  C5     . DC  C 1 2 ? -2.272  2.273   1.015   1.00 10.76 ? 10 DC  C C5     1 
ATOM   204 C  C6     . DC  C 1 2 ? -2.160  2.213   2.343   1.00 10.27 ? 10 DC  C C6     1 
ATOM   205 H  H41    . DC  C 1 2 ? -2.253  1.891   -1.530  0.00 0.00  ? 10 DC  C H41    1 
ATOM   206 H  H42    . DC  C 1 2 ? -1.503  0.315   -1.537  0.00 0.00  ? 10 DC  C H42    1 
ATOM   207 P  P      . DC  C 1 3 ? 0.158   5.343   6.544   1.00 12.38 ? 11 DC  C P      1 
ATOM   208 O  OP1    . DC  C 1 3 ? 0.224   5.911   7.892   1.00 15.64 ? 11 DC  C OP1    1 
ATOM   209 O  OP2    . DC  C 1 3 ? -0.375  6.117   5.433   1.00 12.42 ? 11 DC  C OP2    1 
ATOM   210 O  "O5'"  . DC  C 1 3 ? 1.614   4.659   6.127   1.00 12.77 ? 11 DC  C "O5'"  1 
ATOM   211 C  "C5'"  . DC  C 1 3 ? 2.393   3.848   7.013   1.00 10.27 ? 11 DC  C "C5'"  1 
ATOM   212 C  "C4'"  . DC  C 1 3 ? 3.763   3.406   6.375   1.00 11.24 ? 11 DC  C "C4'"  1 
ATOM   213 O  "O4'"  . DC  C 1 3 ? 3.529   2.598   5.230   1.00 12.28 ? 11 DC  C "O4'"  1 
ATOM   214 C  "C3'"  . DC  C 1 3 ? 4.625   4.553   5.841   1.00 10.00 ? 11 DC  C "C3'"  1 
ATOM   215 O  "O3'"  . DC  C 1 3 ? 5.174   5.249   7.023   1.00 10.83 ? 11 DC  C "O3'"  1 
ATOM   216 C  "C2'"  . DC  C 1 3 ? 5.589   3.779   5.029   1.00 9.98  ? 11 DC  C "C2'"  1 
ATOM   217 C  "C1'"  . DC  C 1 3 ? 4.703   2.654   4.507   1.00 10.34 ? 11 DC  C "C1'"  1 
ATOM   218 N  N1     . DC  C 1 3 ? 4.329   2.897   3.166   1.00 8.62  ? 11 DC  C N1     1 
ATOM   219 C  C2     . DC  C 1 3 ? 4.811   2.062   2.212   1.00 9.56  ? 11 DC  C C2     1 
ATOM   220 O  O2     . DC  C 1 3 ? 5.360   1.002   2.487   1.00 10.06 ? 11 DC  C O2     1 
ATOM   221 N  N3     . DC  C 1 3 ? 4.614   2.366   0.936   1.00 9.94  ? 11 DC  C N3     1 
ATOM   222 C  C4     . DC  C 1 3 ? 3.946   3.426   0.570   1.00 8.19  ? 11 DC  C C4     1 
ATOM   223 N  N4     . DC  C 1 3 ? 3.769   3.634   -0.739  1.00 7.59  ? 11 DC  C N4     1 
ATOM   224 C  C5     . DC  C 1 3 ? 3.403   4.296   1.558   1.00 9.01  ? 11 DC  C C5     1 
ATOM   225 C  C6     . DC  C 1 3 ? 3.634   3.981   2.829   1.00 9.11  ? 11 DC  C C6     1 
ATOM   226 H  H41    . DC  C 1 3 ? 3.231   4.426   -1.048  0.00 0.00  ? 11 DC  C H41    1 
ATOM   227 H  H42    . DC  C 1 3 ? 4.173   3.000   -1.410  0.00 0.00  ? 11 DC  C H42    1 
ATOM   228 P  P      . DT  C 1 4 ? 5.747   6.758   6.914   1.00 11.21 ? 12 DT  C P      1 
ATOM   229 O  OP1    . DT  C 1 4 ? 6.624   6.886   5.765   1.00 11.17 ? 12 DT  C OP1    1 
ATOM   230 O  OP2    . DT  C 1 4 ? 6.176   7.144   8.296   1.00 12.44 ? 12 DT  C OP2    1 
ATOM   231 O  "O5'"  . DT  C 1 4 ? 4.526   7.680   6.552   1.00 11.80 ? 12 DT  C "O5'"  1 
ATOM   232 C  "C5'"  . DT  C 1 4 ? 3.526   8.092   7.543   1.00 11.89 ? 12 DT  C "C5'"  1 
ATOM   233 C  "C4'"  . DT  C 1 4 ? 2.676   9.214   7.019   1.00 11.52 ? 12 DT  C "C4'"  1 
ATOM   234 O  "O4'"  . DT  C 1 4 ? 3.564   10.363  6.989   1.00 12.83 ? 12 DT  C "O4'"  1 
ATOM   235 C  "C3'"  . DT  C 1 4 ? 2.146   8.979   5.513   1.00 11.77 ? 12 DT  C "C3'"  1 
ATOM   236 O  "O3'"  . DT  C 1 4 ? 0.847   9.570   5.439   1.00 11.07 ? 12 DT  C "O3'"  1 
ATOM   237 C  "C2'"  . DT  C 1 4 ? 3.160   9.771   4.652   1.00 10.59 ? 12 DT  C "C2'"  1 
ATOM   238 C  "C1'"  . DT  C 1 4 ? 3.531   10.872  5.631   1.00 11.73 ? 12 DT  C "C1'"  1 
ATOM   239 N  N1     . DT  C 1 4 ? 4.869   11.460  5.378   1.00 11.76 ? 12 DT  C N1     1 
ATOM   240 C  C2     . DT  C 1 4 ? 4.915   12.801  4.883   1.00 12.39 ? 12 DT  C C2     1 
ATOM   241 O  O2     . DT  C 1 4 ? 3.950   13.560  4.745   1.00 10.99 ? 12 DT  C O2     1 
ATOM   242 N  N3     . DT  C 1 4 ? 6.237   13.213  4.583   1.00 12.71 ? 12 DT  C N3     1 
ATOM   243 C  C4     . DT  C 1 4 ? 7.388   12.487  4.731   1.00 10.60 ? 12 DT  C C4     1 
ATOM   244 O  O4     . DT  C 1 4 ? 8.433   12.982  4.358   1.00 12.56 ? 12 DT  C O4     1 
ATOM   245 C  C5     . DT  C 1 4 ? 7.273   11.166  5.253   1.00 11.54 ? 12 DT  C C5     1 
ATOM   246 C  C7     . DT  C 1 4 ? 8.521   10.284  5.452   1.00 10.98 ? 12 DT  C C7     1 
ATOM   247 C  C6     . DT  C 1 4 ? 6.026   10.705  5.554   1.00 11.81 ? 12 DT  C C6     1 
ATOM   248 H  "HO3'" . DT  C 1 4 ? 0.284   9.117   6.075   0.00 0.00  ? 12 DT  C "HO3'" 1 
ATOM   249 H  H3     . DT  C 1 4 ? 6.346   14.150  4.220   0.00 0.00  ? 12 DT  C H3     1 
ATOM   250 O  "O5'"  . DC  D 1 1 ? -4.678  -9.422  -2.353  1.00 16.21 ? 13 DC  D "O5'"  1 
ATOM   251 C  "C5'"  . DC  D 1 1 ? -5.747  -9.457  -3.301  1.00 14.73 ? 13 DC  D "C5'"  1 
ATOM   252 C  "C4'"  . DC  D 1 1 ? -5.984  -8.139  -4.048  1.00 14.78 ? 13 DC  D "C4'"  1 
ATOM   253 O  "O4'"  . DC  D 1 1 ? -6.715  -7.207  -3.267  1.00 13.66 ? 13 DC  D "O4'"  1 
ATOM   254 C  "C3'"  . DC  D 1 1 ? -4.577  -7.456  -4.407  1.00 14.22 ? 13 DC  D "C3'"  1 
ATOM   255 O  "O3'"  . DC  D 1 1 ? -4.638  -6.974  -5.732  1.00 13.58 ? 13 DC  D "O3'"  1 
ATOM   256 C  "C2'"  . DC  D 1 1 ? -4.485  -6.305  -3.430  1.00 12.57 ? 13 DC  D "C2'"  1 
ATOM   257 C  "C1'"  . DC  D 1 1 ? -5.944  -5.982  -3.104  1.00 13.58 ? 13 DC  D "C1'"  1 
ATOM   258 N  N1     . DC  D 1 1 ? -6.116  -5.579  -1.690  1.00 11.07 ? 13 DC  D N1     1 
ATOM   259 C  C2     . DC  D 1 1 ? -6.501  -4.273  -1.434  1.00 10.52 ? 13 DC  D C2     1 
ATOM   260 O  O2     . DC  D 1 1 ? -6.661  -3.463  -2.363  1.00 12.31 ? 13 DC  D O2     1 
ATOM   261 N  N3     . DC  D 1 1 ? -6.696  -3.938  -0.139  1.00 10.30 ? 13 DC  D N3     1 
ATOM   262 C  C4     . DC  D 1 1 ? -6.534  -4.772  0.912   1.00 9.13  ? 13 DC  D C4     1 
ATOM   263 N  N4     . DC  D 1 1 ? -6.771  -4.351  2.159   1.00 8.43  ? 13 DC  D N4     1 
ATOM   264 C  C5     . DC  D 1 1 ? -6.118  -6.148  0.652   1.00 10.77 ? 13 DC  D C5     1 
ATOM   265 C  C6     . DC  D 1 1 ? -5.930  -6.479  -0.662  1.00 11.25 ? 13 DC  D C6     1 
ATOM   266 H  H41    . DC  D 1 1 ? -6.730  -4.968  2.941   0.00 0.00  ? 13 DC  D H41    1 
ATOM   267 H  H42    . DC  D 1 1 ? -6.998  -3.381  2.311   0.00 0.00  ? 13 DC  D H42    1 
ATOM   268 H  "HO5'" . DC  D 1 1 ? -4.918  -8.776  -1.686  0.00 0.00  ? 13 DC  D "HO5'" 1 
ATOM   269 P  P      . DC  D 1 2 ? -3.426  -6.923  -6.720  1.00 15.27 ? 14 DC  D P      1 
ATOM   270 O  OP1    . DC  D 1 2 ? -3.910  -6.371  -7.991  1.00 16.80 ? 14 DC  D OP1    1 
ATOM   271 O  OP2    . DC  D 1 2 ? -2.680  -8.173  -6.694  1.00 14.19 ? 14 DC  D OP2    1 
ATOM   272 O  "O5'"  . DC  D 1 2 ? -2.492  -5.797  -6.006  1.00 16.65 ? 14 DC  D "O5'"  1 
ATOM   273 C  "C5'"  . DC  D 1 2 ? -1.098  -6.017  -5.847  1.00 14.39 ? 14 DC  D "C5'"  1 
ATOM   274 C  "C4'"  . DC  D 1 2 ? -0.685  -4.609  -5.584  1.00 15.67 ? 14 DC  D "C4'"  1 
ATOM   275 O  "O4'"  . DC  D 1 2 ? -1.050  -4.249  -4.279  1.00 14.03 ? 14 DC  D "O4'"  1 
ATOM   276 C  "C3'"  . DC  D 1 2 ? 0.845   -4.371  -5.728  1.00 16.99 ? 14 DC  D "C3'"  1 
ATOM   277 O  "O3'"  . DC  D 1 2 ? 0.890   -3.475  -6.836  1.00 19.22 ? 14 DC  D "O3'"  1 
ATOM   278 C  "C2'"  . DC  D 1 2 ? 1.277   -3.689  -4.441  1.00 14.21 ? 14 DC  D "C2'"  1 
ATOM   279 C  "C1'"  . DC  D 1 2 ? -0.087  -3.232  -3.866  1.00 13.60 ? 14 DC  D "C1'"  1 
ATOM   280 N  N1     . DC  D 1 2 ? -0.100  -3.280  -2.418  1.00 11.57 ? 14 DC  D N1     1 
ATOM   281 C  C2     . DC  D 1 2 ? -0.499  -2.135  -1.753  1.00 11.20 ? 14 DC  D C2     1 
ATOM   282 O  O2     . DC  D 1 2 ? -0.864  -1.138  -2.353  1.00 9.01  ? 14 DC  D O2     1 
ATOM   283 N  N3     . DC  D 1 2 ? -0.510  -2.216  -0.421  1.00 11.15 ? 14 DC  D N3     1 
ATOM   284 C  C4     . DC  D 1 2 ? -0.153  -3.334  0.266   1.00 13.47 ? 14 DC  D C4     1 
ATOM   285 N  N4     . DC  D 1 2 ? -0.040  -3.287  1.595   1.00 12.00 ? 14 DC  D N4     1 
ATOM   286 C  C5     . DC  D 1 2 ? 0.230   -4.534  -0.422  1.00 12.26 ? 14 DC  D C5     1 
ATOM   287 C  C6     . DC  D 1 2 ? 0.247   -4.431  -1.763  1.00 12.60 ? 14 DC  D C6     1 
ATOM   288 H  H41    . DC  D 1 2 ? -0.306  -2.450  2.095   0.00 0.00  ? 14 DC  D H41    1 
ATOM   289 H  H42    . DC  D 1 2 ? 0.309   -4.088  2.103   0.00 0.00  ? 14 DC  D H42    1 
ATOM   290 P  P      . DC  D 1 3 ? 2.226   -3.316  -7.738  1.00 21.43 ? 15 DC  D P      1 
ATOM   291 O  OP1    . DC  D 1 3 ? 1.814   -2.549  -8.956  1.00 20.98 ? 15 DC  D OP1    1 
ATOM   292 O  OP2    . DC  D 1 3 ? 2.935   -4.632  -7.711  1.00 18.72 ? 15 DC  D OP2    1 
ATOM   293 O  "O5'"  . DC  D 1 3 ? 3.103   -2.257  -6.816  1.00 20.37 ? 15 DC  D "O5'"  1 
ATOM   294 C  "C5'"  . DC  D 1 3 ? 4.481   -1.961  -7.063  1.00 16.42 ? 15 DC  D "C5'"  1 
ATOM   295 C  "C4'"  . DC  D 1 3 ? 4.747   -0.653  -6.561  1.00 13.44 ? 15 DC  D "C4'"  1 
ATOM   296 O  "O4'"  . DC  D 1 3 ? 4.627   -0.790  -5.179  1.00 14.22 ? 15 DC  D "O4'"  1 
ATOM   297 C  "C3'"  . DC  D 1 3 ? 6.208   -0.233  -6.733  1.00 13.92 ? 15 DC  D "C3'"  1 
ATOM   298 O  "O3'"  . DC  D 1 3 ? 6.274   0.527   -7.892  1.00 15.01 ? 15 DC  D "O3'"  1 
ATOM   299 C  "C2'"  . DC  D 1 3 ? 6.523   0.637   -5.479  1.00 14.04 ? 15 DC  D "C2'"  1 
ATOM   300 C  "C1'"  . DC  D 1 3 ? 5.290   0.310   -4.642  1.00 12.62 ? 15 DC  D "C1'"  1 
ATOM   301 N  N1     . DC  D 1 3 ? 5.520   -0.067  -3.304  1.00 9.75  ? 15 DC  D N1     1 
ATOM   302 C  C2     . DC  D 1 3 ? 5.070   0.789   -2.315  1.00 9.45  ? 15 DC  D C2     1 
ATOM   303 O  O2     . DC  D 1 3 ? 4.512   1.831   -2.635  1.00 11.49 ? 15 DC  D O2     1 
ATOM   304 N  N3     . DC  D 1 3 ? 5.214   0.468   -1.014  1.00 8.43  ? 15 DC  D N3     1 
ATOM   305 C  C4     . DC  D 1 3 ? 5.778   -0.678  -0.667  1.00 10.78 ? 15 DC  D C4     1 
ATOM   306 N  N4     . DC  D 1 3 ? 5.976   -0.968  0.615   1.00 11.56 ? 15 DC  D N4     1 
ATOM   307 C  C5     . DC  D 1 3 ? 6.251   -1.604  -1.704  1.00 11.47 ? 15 DC  D C5     1 
ATOM   308 C  C6     . DC  D 1 3 ? 6.094   -1.238  -2.991  1.00 10.49 ? 15 DC  D C6     1 
ATOM   309 H  H41    . DC  D 1 3 ? 5.647   -0.336  1.332   0.00 0.00  ? 15 DC  D H41    1 
ATOM   310 H  H42    . DC  D 1 3 ? 6.454   -1.817  0.869   0.00 0.00  ? 15 DC  D H42    1 
ATOM   311 P  P      . DT  D 1 4 ? 7.655   0.722   -8.708  1.00 17.15 ? 16 DT  D P      1 
ATOM   312 O  OP1    . DT  D 1 4 ? 7.244   0.910   -10.106 1.00 22.17 ? 16 DT  D OP1    1 
ATOM   313 O  OP2    . DT  D 1 4 ? 8.552   -0.398  -8.352  1.00 16.59 ? 16 DT  D OP2    1 
ATOM   314 O  "O5'"  . DT  D 1 4 ? 8.325   2.097   -8.142  1.00 13.98 ? 16 DT  D "O5'"  1 
ATOM   315 C  "C5'"  . DT  D 1 4 ? 7.687   3.308   -8.168  1.00 11.20 ? 16 DT  D "C5'"  1 
ATOM   316 C  "C4'"  . DT  D 1 4 ? 8.389   4.256   -7.235  1.00 11.06 ? 16 DT  D "C4'"  1 
ATOM   317 O  "O4'"  . DT  D 1 4 ? 8.478   3.757   -5.929  1.00 12.23 ? 16 DT  D "O4'"  1 
ATOM   318 C  "C3'"  . DT  D 1 4 ? 9.812   4.438   -7.744  1.00 10.78 ? 16 DT  D "C3'"  1 
ATOM   319 O  "O3'"  . DT  D 1 4 ? 9.758   5.464   -8.745  1.00 11.99 ? 16 DT  D "O3'"  1 
ATOM   320 C  "C2'"  . DT  D 1 4 ? 10.431  4.906   -6.459  1.00 12.93 ? 16 DT  D "C2'"  1 
ATOM   321 C  "C1'"  . DT  D 1 4 ? 9.652   4.210   -5.336  1.00 12.66 ? 16 DT  D "C1'"  1 
ATOM   322 N  N1     . DT  D 1 4 ? 10.350  3.004   -4.800  1.00 13.31 ? 16 DT  D N1     1 
ATOM   323 C  C2     . DT  D 1 4 ? 10.726  3.071   -3.543  1.00 10.99 ? 16 DT  D C2     1 
ATOM   324 O  O2     . DT  D 1 4 ? 10.574  4.069   -2.855  1.00 12.73 ? 16 DT  D O2     1 
ATOM   325 N  N3     . DT  D 1 4 ? 11.313  1.947   -3.059  1.00 12.25 ? 16 DT  D N3     1 
ATOM   326 C  C4     . DT  D 1 4 ? 11.546  0.795   -3.726  1.00 12.29 ? 16 DT  D C4     1 
ATOM   327 O  O4     . DT  D 1 4 ? 12.127  -0.095  -3.151  1.00 13.29 ? 16 DT  D O4     1 
ATOM   328 C  C5     . DT  D 1 4 ? 11.131  0.755   -5.067  1.00 12.84 ? 16 DT  D C5     1 
ATOM   329 C  C7     . DT  D 1 4 ? 11.297  -0.589  -5.870  1.00 13.42 ? 16 DT  D C7     1 
ATOM   330 C  C6     . DT  D 1 4 ? 10.563  1.846   -5.560  1.00 12.46 ? 16 DT  D C6     1 
ATOM   331 H  "HO3'" . DT  D 1 4 ? 9.464   6.271   -8.313  0.00 0.00  ? 16 DT  D "HO3'" 1 
ATOM   332 H  H3     . DT  D 1 4 ? 11.610  1.975   -2.093  0.00 0.00  ? 16 DT  D H3     1 
HETATM 333 NA NA     . NA  E 2 . ? 2.065   8.654   -3.988  1.00 28.16 ? 19 NA  A NA     1 
HETATM 334 NA NA     . NA  F 2 . ? -6.159  -5.840  6.798   1.00 28.73 ? 17 NA  B NA     1 
HETATM 335 NA NA     . NA  G 2 . ? -2.361  7.972   3.088   1.00 37.22 ? 18 NA  C NA     1 
HETATM 336 O  O      . HOH H 3 . ? -7.774  4.640   -1.645  0.50 30.13 ? 20 HOH A O      1 
HETATM 337 O  O      . HOH H 3 . ? -4.088  -3.588  -14.756 1.00 41.37 ? 22 HOH A O      1 
HETATM 338 O  O      . HOH H 3 . ? 6.293   11.158  -6.860  1.00 15.18 ? 36 HOH A O      1 
HETATM 339 O  O      . HOH H 3 . ? -3.645  -2.592  -11.934 1.00 45.08 ? 38 HOH A O      1 
HETATM 340 O  O      . HOH H 3 . ? -11.853 1.331   -1.514  1.00 16.97 ? 39 HOH A O      1 
HETATM 341 O  O      . HOH H 3 . ? 0.213   1.386   -11.306 1.00 39.96 ? 40 HOH A O      1 
HETATM 342 O  O      . HOH H 3 . ? 2.208   5.927   -1.884  1.00 8.59  ? 44 HOH A O      1 
HETATM 343 O  O      . HOH H 3 . ? -9.560  -6.375  1.130   1.00 14.63 ? 47 HOH A O      1 
HETATM 344 O  O      . HOH H 3 . ? -9.008  -8.382  -1.350  1.00 16.48 ? 48 HOH A O      1 
HETATM 345 O  O      . HOH H 3 . ? -5.486  -4.467  -11.121 1.00 35.74 ? 54 HOH A O      1 
HETATM 346 O  O      . HOH H 3 . ? -2.952  2.231   -14.421 1.00 40.80 ? 60 HOH A O      1 
HETATM 347 O  O      . HOH H 3 . ? -1.271  5.926   -2.787  1.00 22.08 ? 64 HOH A O      1 
HETATM 348 O  O      . HOH H 3 . ? -4.707  3.314   -4.456  1.00 31.49 ? 65 HOH A O      1 
HETATM 349 O  O      . HOH H 3 . ? -5.899  -5.334  -13.540 1.00 28.80 ? 67 HOH A O      1 
HETATM 350 O  O      . HOH H 3 . ? -5.367  3.387   -0.579  1.00 31.55 ? 72 HOH A O      1 
HETATM 351 O  O      . HOH H 3 . ? -0.172  4.985   0.880   1.00 15.43 ? 75 HOH A O      1 
HETATM 352 O  O      . HOH H 3 . ? -7.370  0.463   -5.119  1.00 31.35 ? 79 HOH A O      1 
HETATM 353 O  O      . HOH I 3 . ? -0.748  -3.678  10.886  1.00 31.11 ? 24 HOH B O      1 
HETATM 354 O  O      . HOH I 3 . ? -8.595  -11.274 12.903  1.00 25.90 ? 25 HOH B O      1 
HETATM 355 O  O      . HOH I 3 . ? -8.739  -0.897  6.343   1.00 30.30 ? 34 HOH B O      1 
HETATM 356 O  O      . HOH I 3 . ? 0.812   -6.595  10.330  1.00 44.84 ? 37 HOH B O      1 
HETATM 357 O  O      . HOH I 3 . ? 7.029   -3.821  8.421   1.00 39.87 ? 53 HOH B O      1 
HETATM 358 O  O      . HOH I 3 . ? -3.374  -10.502 13.654  1.00 33.87 ? 58 HOH B O      1 
HETATM 359 O  O      . HOH I 3 . ? 4.278   -5.118  -0.920  1.00 24.18 ? 73 HOH B O      1 
HETATM 360 O  O      . HOH J 3 . ? 0.937   6.702   2.991   1.00 15.26 ? 23 HOH C O      1 
HETATM 361 O  O      . HOH J 3 . ? -1.804  4.861   9.402   1.00 29.25 ? 26 HOH C O      1 
HETATM 362 O  O      . HOH J 3 . ? -9.837  6.210   15.356  1.00 36.56 ? 28 HOH C O      1 
HETATM 363 O  O      . HOH J 3 . ? -6.364  1.891   7.285   1.00 25.99 ? 29 HOH C O      1 
HETATM 364 O  O      . HOH J 3 . ? -15.444 3.675   9.412   1.00 49.93 ? 30 HOH C O      1 
HETATM 365 O  O      . HOH J 3 . ? -2.096  8.413   6.139   1.00 44.17 ? 35 HOH C O      1 
HETATM 366 O  O      . HOH J 3 . ? -2.969  5.845   0.917   1.00 34.58 ? 42 HOH C O      1 
HETATM 367 O  O      . HOH J 3 . ? 3.396   7.529   2.340   1.00 14.46 ? 43 HOH C O      1 
HETATM 368 O  O      . HOH J 3 . ? -8.199  1.664   -3.514  1.00 40.08 ? 45 HOH C O      1 
HETATM 369 O  O      . HOH J 3 . ? 5.999   7.150   3.125   1.00 10.45 ? 56 HOH C O      1 
HETATM 370 O  O      . HOH J 3 . ? 0.922   9.190   10.309  1.00 47.60 ? 61 HOH C O      1 
HETATM 371 O  O      . HOH J 3 . ? 2.375   6.282   10.208  1.00 39.64 ? 63 HOH C O      1 
HETATM 372 O  O      . HOH J 3 . ? -2.996  3.520   -2.276  1.00 18.35 ? 74 HOH C O      1 
HETATM 373 O  O      . HOH K 3 . ? 1.022   -7.900  -2.056  1.00 17.65 ? 21 HOH D O      1 
HETATM 374 O  O      . HOH K 3 . ? 12.255  -0.660  -12.743 1.00 53.69 ? 27 HOH D O      1 
HETATM 375 O  O      . HOH K 3 . ? -2.070  -10.608 -5.019  1.00 14.41 ? 31 HOH D O      1 
HETATM 376 O  O      . HOH K 3 . ? 9.280   -3.128  -7.480  1.00 32.17 ? 32 HOH D O      1 
HETATM 377 O  O      . HOH K 3 . ? 8.299   -3.123  -5.144  1.00 29.29 ? 33 HOH D O      1 
HETATM 378 O  O      . HOH K 3 . ? 11.198  0.799   -10.234 1.00 43.39 ? 41 HOH D O      1 
HETATM 379 O  O      . HOH K 3 . ? -8.492  -7.835  3.414   1.00 11.79 ? 46 HOH D O      1 
HETATM 380 O  O      . HOH K 3 . ? 4.416   3.536   -9.505  1.00 30.51 ? 49 HOH D O      1 
HETATM 381 O  O      . HOH K 3 . ? 3.147   0.283   -9.694  1.00 35.00 ? 50 HOH D O      1 
HETATM 382 O  O      . HOH K 3 . ? 1.441   -1.019  -14.439 1.00 35.66 ? 51 HOH D O      1 
HETATM 383 O  O      . HOH K 3 . ? 6.528   -5.713  -12.141 1.00 30.37 ? 52 HOH D O      1 
HETATM 384 O  O      . HOH K 3 . ? 6.176   2.459   -13.889 1.00 32.08 ? 55 HOH D O      1 
HETATM 385 O  O      . HOH K 3 . ? 3.894   3.746   -12.719 1.00 38.47 ? 57 HOH D O      1 
HETATM 386 O  O      . HOH K 3 . ? 0.372   -9.599  -5.239  1.00 33.10 ? 59 HOH D O      1 
HETATM 387 O  O      . HOH K 3 . ? -6.023  -7.566  -9.834  1.00 26.68 ? 62 HOH D O      1 
HETATM 388 O  O      . HOH K 3 . ? 2.784   -1.437  -12.307 1.00 48.85 ? 66 HOH D O      1 
HETATM 389 O  O      . HOH K 3 . ? -2.026  -8.028  -0.131  1.00 31.63 ? 68 HOH D O      1 
HETATM 390 O  O      . HOH K 3 . ? -6.269  -6.378  4.010   1.00 10.71 ? 69 HOH D O      1 
HETATM 391 O  O      . HOH K 3 . ? 3.125   -6.297  -3.640  1.00 28.92 ? 70 HOH D O      1 
HETATM 392 O  O      . HOH K 3 . ? 9.470   -6.575  -13.935 1.00 50.24 ? 71 HOH D O      1 
HETATM 393 O  O      . HOH K 3 . ? 7.259   -3.538  1.746   1.00 19.21 ? 76 HOH D O      1 
HETATM 394 O  O      . HOH K 3 . ? 9.656   -1.632  -2.778  1.00 18.62 ? 77 HOH D O      1 
HETATM 395 O  O      . HOH K 3 . ? -6.643  -9.887  -0.478  1.00 36.43 ? 78 HOH D O      1 
HETATM 396 O  O      . HOH K 3 . ? -8.731  -10.693 1.804   1.00 30.70 ? 80 HOH D O      1 
HETATM 397 O  O      . HOH K 3 . ? -4.638  -9.113  0.714   0.50 35.24 ? 81 HOH D O      1 
HETATM 398 O  O      . HOH K 3 . ? -1.766  -8.102  -2.631  1.00 44.82 ? 82 HOH D O      1 
# 
